data_5TUP
#
_entry.id   5TUP
#
_cell.length_a   56.950
_cell.length_b   103.370
_cell.length_c   79.200
_cell.angle_alpha   90.000
_cell.angle_beta   96.600
_cell.angle_gamma   90.000
#
_symmetry.space_group_name_H-M   'P 1 21 1'
#
loop_
_entity.id
_entity.type
_entity.pdbx_description
1 polymer 'Proliferating cell nuclear antigen'
2 water water
#
_entity_poly.entity_id   1
_entity_poly.type   'polypeptide(L)'
_entity_poly.pdbx_seq_one_letter_code
;GMLEARLEQASLLKRVVDAIKDLVQDCNFDCNDSGIALQAMDNSHVALVSMLLKAEGFSPYRCDRNIALGINLVSLTKVL
RAAQNEDILTLKADDSPDAVNLMFESAETDRISEYDIKLMDIDQEHLAIPETEYAATVEMPSAEFQRICRDLNALSESVV
IEATKEGVKFSCQGDIGSGSVTIRQHTSVDKPEQNVSIALSEPVALTFSLKYLVNFCKATSLSSKVTLCLSQEVPLLVEY
GLGSGHLRFYLAPKIGDEE
;
_entity_poly.pdbx_strand_id   A,B,C
#
# COMPACT_ATOMS: atom_id res chain seq x y z
N MET A 2 10.36 -19.38 -38.03
CA MET A 2 10.77 -18.42 -37.00
C MET A 2 9.59 -17.61 -36.49
N LEU A 3 9.58 -17.34 -35.19
CA LEU A 3 8.51 -16.56 -34.58
C LEU A 3 9.02 -15.20 -34.11
N GLU A 4 8.29 -14.15 -34.47
CA GLU A 4 8.60 -12.80 -34.01
C GLU A 4 7.32 -12.00 -33.81
N ALA A 5 7.15 -11.48 -32.60
CA ALA A 5 5.97 -10.68 -32.27
C ALA A 5 6.36 -9.46 -31.46
N ARG A 6 6.01 -8.29 -31.97
CA ARG A 6 6.39 -7.03 -31.32
C ARG A 6 5.17 -6.28 -30.81
N LEU A 7 5.11 -6.09 -29.49
CA LEU A 7 4.04 -5.31 -28.88
C LEU A 7 4.51 -3.90 -28.59
N GLU A 8 3.73 -2.92 -29.05
CA GLU A 8 4.00 -1.50 -28.78
C GLU A 8 4.17 -1.22 -27.28
N GLN A 9 3.25 -1.76 -26.48
CA GLN A 9 3.31 -1.60 -25.03
C GLN A 9 3.32 -2.95 -24.32
N ALA A 10 4.34 -3.16 -23.48
CA ALA A 10 4.47 -4.40 -22.72
C ALA A 10 3.38 -4.56 -21.67
N SER A 11 2.71 -3.45 -21.36
CA SER A 11 1.66 -3.44 -20.33
C SER A 11 0.58 -4.48 -20.58
N LEU A 12 0.21 -4.66 -21.84
CA LEU A 12 -0.84 -5.60 -22.22
C LEU A 12 -0.50 -7.01 -21.76
N LEU A 13 0.68 -7.49 -22.14
CA LEU A 13 1.11 -8.84 -21.78
C LEU A 13 1.33 -8.96 -20.28
N LYS A 14 1.78 -7.87 -19.65
CA LYS A 14 1.96 -7.85 -18.20
C LYS A 14 0.64 -8.09 -17.48
N ARG A 15 -0.41 -7.44 -17.96
CA ARG A 15 -1.73 -7.51 -17.34
C ARG A 15 -2.45 -8.82 -17.67
N VAL A 16 -2.27 -9.31 -18.88
CA VAL A 16 -2.88 -10.57 -19.30
C VAL A 16 -2.37 -11.73 -18.44
N VAL A 17 -1.06 -11.79 -18.28
CA VAL A 17 -0.43 -12.84 -17.48
C VAL A 17 -0.87 -12.73 -16.02
N ASP A 18 -0.96 -11.50 -15.52
CA ASP A 18 -1.37 -11.25 -14.14
C ASP A 18 -2.82 -11.65 -13.89
N ALA A 19 -3.60 -11.73 -14.97
CA ALA A 19 -5.01 -12.08 -14.88
C ALA A 19 -5.21 -13.60 -14.86
N ILE A 20 -4.26 -14.33 -15.42
CA ILE A 20 -4.37 -15.78 -15.55
C ILE A 20 -3.52 -16.52 -14.51
N LYS A 21 -2.49 -15.83 -14.00
CA LYS A 21 -1.46 -16.46 -13.18
C LYS A 21 -1.99 -17.18 -11.94
N ASP A 22 -3.13 -16.75 -11.42
CA ASP A 22 -3.66 -17.33 -10.20
C ASP A 22 -4.59 -18.52 -10.46
N LEU A 23 -4.93 -18.74 -11.73
CA LEU A 23 -5.74 -19.89 -12.10
C LEU A 23 -4.85 -20.96 -12.72
N VAL A 24 -4.16 -20.59 -13.79
CA VAL A 24 -3.23 -21.49 -14.47
C VAL A 24 -1.79 -21.03 -14.28
N GLN A 25 -0.87 -21.99 -14.18
CA GLN A 25 0.56 -21.67 -14.08
C GLN A 25 1.36 -22.21 -15.27
N ASP A 26 1.13 -23.46 -15.64
CA ASP A 26 1.82 -24.05 -16.78
C ASP A 26 0.88 -24.24 -17.95
N CYS A 27 1.16 -23.56 -19.06
CA CYS A 27 0.31 -23.63 -20.24
C CYS A 27 1.05 -23.28 -21.52
N ASN A 28 0.45 -23.60 -22.65
CA ASN A 28 1.06 -23.34 -23.95
C ASN A 28 0.55 -22.05 -24.59
N PHE A 29 1.45 -21.32 -25.22
CA PHE A 29 1.07 -20.20 -26.06
C PHE A 29 1.09 -20.63 -27.52
N ASP A 30 -0.09 -20.92 -28.05
CA ASP A 30 -0.22 -21.41 -29.42
C ASP A 30 -0.08 -20.26 -30.42
N CYS A 31 0.89 -20.39 -31.31
CA CYS A 31 1.19 -19.33 -32.27
C CYS A 31 1.04 -19.80 -33.72
N ASN A 32 0.32 -19.01 -34.51
CA ASN A 32 0.24 -19.20 -35.95
C ASN A 32 0.10 -17.84 -36.64
N ASP A 33 -0.32 -17.82 -37.89
CA ASP A 33 -0.46 -16.55 -38.61
C ASP A 33 -1.65 -15.74 -38.12
N SER A 34 -2.54 -16.40 -37.40
CA SER A 34 -3.72 -15.73 -36.88
C SER A 34 -3.37 -14.94 -35.62
N GLY A 35 -2.37 -15.43 -34.88
CA GLY A 35 -1.94 -14.77 -33.67
C GLY A 35 -1.56 -15.73 -32.57
N ILE A 36 -1.47 -15.21 -31.34
CA ILE A 36 -1.12 -16.01 -30.17
C ILE A 36 -2.35 -16.30 -29.32
N ALA A 37 -2.65 -17.58 -29.12
CA ALA A 37 -3.81 -17.97 -28.35
C ALA A 37 -3.43 -18.81 -27.13
N LEU A 38 -4.26 -18.76 -26.10
CA LEU A 38 -4.06 -19.57 -24.91
C LEU A 38 -5.40 -20.18 -24.46
N GLN A 39 -5.40 -21.50 -24.25
CA GLN A 39 -6.58 -22.18 -23.71
C GLN A 39 -6.19 -23.22 -22.68
N ALA A 40 -6.51 -22.95 -21.42
CA ALA A 40 -6.12 -23.81 -20.32
C ALA A 40 -7.18 -23.85 -19.23
N MET A 41 -7.26 -24.97 -18.53
CA MET A 41 -8.22 -25.13 -17.45
C MET A 41 -7.56 -24.84 -16.10
N ASP A 42 -8.33 -24.27 -15.20
CA ASP A 42 -7.91 -24.01 -13.83
C ASP A 42 -7.38 -25.26 -13.14
N ASN A 43 -6.46 -25.07 -12.19
CA ASN A 43 -5.87 -26.18 -11.42
C ASN A 43 -6.90 -27.07 -10.72
N SER A 44 -8.07 -26.53 -10.38
CA SER A 44 -9.10 -27.31 -9.70
C SER A 44 -10.09 -27.89 -10.71
N HIS A 45 -9.75 -27.74 -12.00
CA HIS A 45 -10.49 -28.30 -13.12
C HIS A 45 -11.97 -27.88 -13.15
N VAL A 46 -12.22 -26.60 -12.93
CA VAL A 46 -13.58 -26.08 -12.95
C VAL A 46 -13.75 -24.97 -13.99
N ALA A 47 -12.80 -24.04 -14.01
CA ALA A 47 -12.87 -22.91 -14.91
C ALA A 47 -11.95 -23.09 -16.11
N LEU A 48 -12.37 -22.55 -17.25
CA LEU A 48 -11.57 -22.59 -18.46
C LEU A 48 -11.20 -21.18 -18.89
N VAL A 49 -9.92 -20.97 -19.18
CA VAL A 49 -9.42 -19.67 -19.61
C VAL A 49 -9.09 -19.69 -21.11
N SER A 50 -9.67 -18.77 -21.85
CA SER A 50 -9.42 -18.68 -23.29
C SER A 50 -8.95 -17.29 -23.69
N MET A 51 -7.71 -17.20 -24.14
CA MET A 51 -7.11 -15.92 -24.55
C MET A 51 -6.78 -15.92 -26.03
N LEU A 52 -6.98 -14.78 -26.69
CA LEU A 52 -6.58 -14.62 -28.08
C LEU A 52 -5.90 -13.28 -28.32
N LEU A 53 -4.63 -13.33 -28.74
CA LEU A 53 -3.93 -12.14 -29.17
C LEU A 53 -3.77 -12.18 -30.69
N LYS A 54 -4.61 -11.43 -31.39
CA LYS A 54 -4.65 -11.48 -32.84
C LYS A 54 -3.43 -10.83 -33.45
N ALA A 55 -3.03 -11.34 -34.62
CA ALA A 55 -1.81 -10.89 -35.30
C ALA A 55 -1.90 -9.43 -35.69
N GLU A 56 -3.12 -8.92 -35.83
CA GLU A 56 -3.34 -7.55 -36.25
C GLU A 56 -3.04 -6.56 -35.12
N GLY A 57 -2.73 -7.11 -33.95
CA GLY A 57 -2.39 -6.30 -32.80
C GLY A 57 -0.89 -6.18 -32.60
N PHE A 58 -0.13 -6.92 -33.41
CA PHE A 58 1.32 -6.89 -33.35
C PHE A 58 1.92 -6.16 -34.55
N SER A 59 2.99 -5.41 -34.31
CA SER A 59 3.70 -4.72 -35.39
C SER A 59 5.21 -4.71 -35.15
N PRO A 60 5.94 -5.57 -35.87
CA PRO A 60 5.40 -6.56 -36.82
C PRO A 60 5.08 -7.90 -36.17
N TYR A 61 4.52 -8.82 -36.95
CA TYR A 61 4.27 -10.19 -36.48
C TYR A 61 4.66 -11.23 -37.53
N ARG A 62 5.50 -12.18 -37.13
CA ARG A 62 5.94 -13.25 -38.03
C ARG A 62 5.89 -14.62 -37.35
N CYS A 63 5.29 -15.60 -38.02
CA CYS A 63 5.25 -16.97 -37.54
C CYS A 63 5.25 -17.94 -38.71
N ASP A 64 6.39 -18.54 -38.99
CA ASP A 64 6.52 -19.36 -40.20
C ASP A 64 5.83 -20.72 -40.07
N ARG A 65 5.77 -21.26 -38.85
CA ARG A 65 5.27 -22.61 -38.67
C ARG A 65 4.49 -22.68 -37.35
N ASN A 66 3.43 -23.47 -37.31
CA ASN A 66 2.67 -23.69 -36.08
C ASN A 66 3.51 -24.21 -34.92
N ILE A 67 3.54 -23.46 -33.82
CA ILE A 67 4.42 -23.78 -32.70
C ILE A 67 3.72 -23.58 -31.34
N ALA A 68 4.04 -24.47 -30.39
CA ALA A 68 3.55 -24.36 -29.03
C ALA A 68 4.67 -23.98 -28.07
N LEU A 69 4.45 -22.93 -27.29
CA LEU A 69 5.45 -22.49 -26.32
C LEU A 69 4.99 -22.76 -24.88
N GLY A 70 5.54 -23.81 -24.28
CA GLY A 70 5.22 -24.14 -22.90
C GLY A 70 5.88 -23.20 -21.94
N ILE A 71 5.07 -22.41 -21.23
CA ILE A 71 5.60 -21.37 -20.36
C ILE A 71 5.00 -21.39 -18.96
N ASN A 72 5.87 -21.42 -17.95
CA ASN A 72 5.46 -21.23 -16.57
C ASN A 72 5.09 -19.76 -16.37
N LEU A 73 3.87 -19.50 -15.92
CA LEU A 73 3.41 -18.14 -15.77
C LEU A 73 4.07 -17.43 -14.60
N VAL A 74 4.46 -18.20 -13.59
CA VAL A 74 5.20 -17.65 -12.45
C VAL A 74 6.55 -17.12 -12.90
N SER A 75 7.26 -17.91 -13.70
CA SER A 75 8.54 -17.49 -14.26
C SER A 75 8.35 -16.27 -15.17
N LEU A 76 7.28 -16.29 -15.95
CA LEU A 76 7.00 -15.24 -16.92
C LEU A 76 6.61 -13.95 -16.21
N THR A 77 5.92 -14.08 -15.08
CA THR A 77 5.51 -12.91 -14.30
C THR A 77 6.74 -12.20 -13.75
N LYS A 78 7.72 -12.98 -13.29
CA LYS A 78 8.96 -12.43 -12.77
C LYS A 78 9.70 -11.67 -13.86
N VAL A 79 9.72 -12.23 -15.06
CA VAL A 79 10.37 -11.60 -16.21
C VAL A 79 9.59 -10.38 -16.70
N LEU A 80 8.26 -10.47 -16.71
CA LEU A 80 7.42 -9.37 -17.19
C LEU A 80 7.32 -8.24 -16.19
N ARG A 81 7.77 -8.47 -14.96
CA ARG A 81 7.78 -7.40 -13.96
C ARG A 81 9.03 -6.56 -14.14
N ALA A 82 9.86 -6.96 -15.09
CA ALA A 82 11.07 -6.22 -15.42
C ALA A 82 10.80 -5.24 -16.55
N ALA A 83 9.64 -5.38 -17.17
CA ALA A 83 9.24 -4.50 -18.26
C ALA A 83 8.32 -3.40 -17.73
N GLN A 84 8.61 -2.16 -18.11
CA GLN A 84 7.74 -1.05 -17.78
C GLN A 84 6.52 -1.08 -18.71
N ASN A 85 5.45 -0.42 -18.30
CA ASN A 85 4.20 -0.47 -19.04
C ASN A 85 4.32 0.10 -20.45
N GLU A 86 5.24 1.03 -20.63
CA GLU A 86 5.41 1.70 -21.91
C GLU A 86 6.61 1.18 -22.70
N ASP A 87 7.21 0.09 -22.22
CA ASP A 87 8.34 -0.51 -22.94
C ASP A 87 7.88 -1.23 -24.20
N ILE A 88 8.73 -1.23 -25.22
CA ILE A 88 8.46 -2.02 -26.42
C ILE A 88 8.87 -3.46 -26.19
N LEU A 89 7.89 -4.36 -26.19
CA LEU A 89 8.13 -5.77 -25.96
C LEU A 89 8.25 -6.53 -27.27
N THR A 90 9.30 -7.34 -27.40
CA THR A 90 9.47 -8.17 -28.58
C THR A 90 9.68 -9.63 -28.21
N LEU A 91 8.77 -10.48 -28.66
CA LEU A 91 8.85 -11.91 -28.43
C LEU A 91 9.46 -12.62 -29.63
N LYS A 92 10.56 -13.32 -29.42
CA LYS A 92 11.25 -13.99 -30.51
C LYS A 92 11.49 -15.47 -30.21
N ALA A 93 11.26 -16.31 -31.21
CA ALA A 93 11.55 -17.74 -31.10
C ALA A 93 11.71 -18.33 -32.50
N ASP A 94 12.49 -19.40 -32.61
CA ASP A 94 12.61 -20.10 -33.88
C ASP A 94 11.56 -21.20 -33.91
N ASP A 95 11.61 -22.06 -34.91
CA ASP A 95 10.68 -23.18 -34.97
C ASP A 95 11.05 -24.23 -33.93
N SER A 96 12.24 -24.82 -34.01
CA SER A 96 12.72 -25.72 -32.97
C SER A 96 13.02 -24.96 -31.67
N PRO A 97 12.09 -25.02 -30.70
CA PRO A 97 12.17 -24.12 -29.54
C PRO A 97 12.81 -24.74 -28.29
N ASP A 98 14.00 -24.28 -27.91
CA ASP A 98 14.56 -24.70 -26.63
C ASP A 98 14.13 -23.70 -25.54
N ALA A 99 13.99 -22.44 -25.95
CA ALA A 99 13.67 -21.35 -25.04
C ALA A 99 12.99 -20.21 -25.79
N VAL A 100 12.39 -19.29 -25.06
CA VAL A 100 11.77 -18.12 -25.68
C VAL A 100 12.53 -16.86 -25.30
N ASN A 101 12.75 -15.98 -26.27
CA ASN A 101 13.51 -14.77 -26.05
C ASN A 101 12.59 -13.56 -25.92
N LEU A 102 12.75 -12.81 -24.83
CA LEU A 102 11.94 -11.62 -24.58
C LEU A 102 12.81 -10.38 -24.54
N MET A 103 12.51 -9.43 -25.41
CA MET A 103 13.31 -8.21 -25.52
C MET A 103 12.51 -6.99 -25.11
N PHE A 104 13.04 -6.23 -24.16
CA PHE A 104 12.37 -5.03 -23.67
C PHE A 104 13.12 -3.77 -24.07
N GLU A 105 12.58 -3.04 -25.04
CA GLU A 105 13.18 -1.78 -25.46
C GLU A 105 12.41 -0.64 -24.81
N SER A 106 13.14 0.30 -24.23
CA SER A 106 12.51 1.45 -23.59
C SER A 106 12.51 2.67 -24.51
N ALA A 107 11.37 3.35 -24.57
CA ALA A 107 11.25 4.56 -25.38
C ALA A 107 12.00 5.71 -24.73
N GLU A 108 12.06 5.69 -23.39
CA GLU A 108 12.68 6.77 -22.63
C GLU A 108 14.18 6.55 -22.36
N THR A 109 14.49 5.79 -21.32
CA THR A 109 15.88 5.56 -20.91
C THR A 109 16.78 4.89 -21.95
N ASP A 110 16.18 4.40 -23.04
CA ASP A 110 16.91 3.73 -24.12
C ASP A 110 17.78 2.60 -23.57
N ARG A 111 17.16 1.75 -22.78
CA ARG A 111 17.83 0.62 -22.14
C ARG A 111 17.27 -0.66 -22.75
N ILE A 112 18.14 -1.59 -23.14
CA ILE A 112 17.66 -2.83 -23.73
C ILE A 112 17.86 -3.98 -22.77
N SER A 113 16.78 -4.70 -22.52
CA SER A 113 16.79 -5.87 -21.64
C SER A 113 16.41 -7.11 -22.41
N GLU A 114 17.24 -8.14 -22.33
CA GLU A 114 16.97 -9.40 -22.99
C GLU A 114 16.86 -10.52 -21.96
N TYR A 115 15.83 -11.35 -22.11
CA TYR A 115 15.63 -12.48 -21.23
C TYR A 115 15.43 -13.75 -22.04
N ASP A 116 16.09 -14.83 -21.62
CA ASP A 116 15.88 -16.13 -22.25
C ASP A 116 15.21 -17.04 -21.25
N ILE A 117 13.92 -17.29 -21.45
CA ILE A 117 13.16 -18.14 -20.55
C ILE A 117 13.14 -19.56 -21.07
N LYS A 118 13.60 -20.50 -20.24
CA LYS A 118 13.58 -21.90 -20.60
C LYS A 118 12.13 -22.38 -20.74
N LEU A 119 11.85 -23.03 -21.86
CA LEU A 119 10.51 -23.55 -22.11
C LEU A 119 10.31 -24.89 -21.41
N MET A 120 9.06 -25.28 -21.25
CA MET A 120 8.75 -26.59 -20.66
C MET A 120 8.02 -27.44 -21.69
N ASP A 121 7.97 -28.74 -21.43
CA ASP A 121 7.27 -29.64 -22.32
C ASP A 121 5.86 -29.86 -21.81
N ILE A 122 4.91 -29.20 -22.48
CA ILE A 122 3.50 -29.33 -22.18
C ILE A 122 2.84 -29.82 -23.45
N ASP A 123 1.95 -30.79 -23.33
CA ASP A 123 1.32 -31.37 -24.51
C ASP A 123 0.01 -30.66 -24.79
N GLN A 124 -0.28 -30.52 -26.07
CA GLN A 124 -1.42 -29.73 -26.50
C GLN A 124 -2.65 -30.60 -26.62
N GLU A 125 -3.80 -29.97 -26.43
CA GLU A 125 -5.11 -30.60 -26.41
C GLU A 125 -6.10 -29.54 -25.99
N HIS A 126 -7.40 -29.84 -26.09
CA HIS A 126 -8.43 -28.83 -25.92
C HIS A 126 -9.82 -29.45 -25.87
N LEU A 127 -10.82 -28.58 -25.90
CA LEU A 127 -12.22 -28.96 -26.06
C LEU A 127 -12.83 -27.93 -26.99
N ALA A 128 -13.79 -28.34 -27.81
CA ALA A 128 -14.41 -27.40 -28.73
C ALA A 128 -15.30 -26.40 -28.00
N ILE A 129 -15.27 -25.16 -28.48
CA ILE A 129 -16.19 -24.12 -28.03
C ILE A 129 -16.44 -23.15 -29.18
N PRO A 130 -17.60 -23.28 -29.84
CA PRO A 130 -17.91 -22.48 -31.02
C PRO A 130 -19.07 -21.52 -30.79
N GLU A 131 -19.59 -20.93 -31.87
CA GLU A 131 -20.68 -19.97 -31.83
C GLU A 131 -21.82 -20.42 -30.90
N THR A 132 -21.68 -20.21 -29.60
CA THR A 132 -22.74 -20.59 -28.67
C THR A 132 -23.78 -19.46 -28.59
N GLU A 133 -25.05 -19.84 -28.60
CA GLU A 133 -26.13 -18.85 -28.47
C GLU A 133 -26.56 -18.66 -27.02
N TYR A 134 -26.32 -17.47 -26.48
CA TYR A 134 -26.63 -17.17 -25.09
C TYR A 134 -27.97 -16.45 -25.01
N ALA A 135 -28.71 -16.73 -23.94
CA ALA A 135 -30.04 -16.14 -23.78
C ALA A 135 -29.97 -14.70 -23.30
N ALA A 136 -28.92 -14.37 -22.57
CA ALA A 136 -28.76 -13.02 -22.04
C ALA A 136 -27.30 -12.58 -22.11
N THR A 137 -27.10 -11.35 -22.57
CA THR A 137 -25.76 -10.78 -22.65
C THR A 137 -25.72 -9.46 -21.88
N VAL A 138 -24.86 -9.39 -20.90
CA VAL A 138 -24.77 -8.20 -20.06
C VAL A 138 -23.42 -7.50 -20.21
N GLU A 139 -23.48 -6.26 -20.68
CA GLU A 139 -22.29 -5.42 -20.77
C GLU A 139 -22.34 -4.39 -19.64
N MET A 140 -21.36 -4.47 -18.74
CA MET A 140 -21.33 -3.62 -17.56
C MET A 140 -19.89 -3.19 -17.26
N PRO A 141 -19.72 -2.15 -16.42
CA PRO A 141 -18.37 -1.74 -16.02
C PRO A 141 -17.61 -2.86 -15.32
N SER A 142 -16.39 -3.13 -15.78
CA SER A 142 -15.57 -4.21 -15.20
C SER A 142 -15.25 -3.92 -13.74
N ALA A 143 -15.03 -2.64 -13.42
CA ALA A 143 -14.71 -2.24 -12.07
C ALA A 143 -15.86 -2.50 -11.10
N GLU A 144 -17.09 -2.27 -11.57
CA GLU A 144 -18.27 -2.48 -10.74
C GLU A 144 -18.50 -3.97 -10.52
N PHE A 145 -18.37 -4.76 -11.60
CA PHE A 145 -18.51 -6.20 -11.51
C PHE A 145 -17.50 -6.78 -10.53
N GLN A 146 -16.30 -6.21 -10.54
CA GLN A 146 -15.26 -6.61 -9.60
C GLN A 146 -15.64 -6.26 -8.17
N ARG A 147 -16.21 -5.08 -7.98
CA ARG A 147 -16.62 -4.61 -6.67
C ARG A 147 -17.77 -5.45 -6.11
N ILE A 148 -18.71 -5.81 -6.99
CA ILE A 148 -19.86 -6.60 -6.59
C ILE A 148 -19.43 -7.99 -6.12
N CYS A 149 -18.52 -8.61 -6.87
CA CYS A 149 -18.05 -9.96 -6.53
C CYS A 149 -17.30 -9.98 -5.21
N ARG A 150 -16.39 -9.03 -5.02
CA ARG A 150 -15.59 -8.98 -3.80
C ARG A 150 -16.43 -8.69 -2.57
N ASP A 151 -17.47 -7.89 -2.73
CA ASP A 151 -18.36 -7.56 -1.63
C ASP A 151 -19.17 -8.78 -1.20
N LEU A 152 -19.76 -9.47 -2.17
CA LEU A 152 -20.58 -10.63 -1.88
C LEU A 152 -19.75 -11.83 -1.45
N ASN A 153 -18.49 -11.87 -1.87
CA ASN A 153 -17.60 -12.98 -1.52
C ASN A 153 -17.26 -12.95 -0.04
N ALA A 154 -17.42 -11.79 0.58
CA ALA A 154 -17.19 -11.63 2.00
C ALA A 154 -18.34 -12.26 2.79
N LEU A 155 -19.52 -12.30 2.16
CA LEU A 155 -20.71 -12.83 2.81
C LEU A 155 -20.96 -14.30 2.49
N SER A 156 -20.65 -14.71 1.27
CA SER A 156 -20.90 -16.08 0.85
C SER A 156 -19.93 -16.58 -0.22
N GLU A 157 -20.03 -17.87 -0.53
CA GLU A 157 -19.18 -18.50 -1.54
C GLU A 157 -19.93 -18.65 -2.85
N SER A 158 -21.20 -18.28 -2.86
CA SER A 158 -22.06 -18.44 -4.02
C SER A 158 -22.86 -17.18 -4.31
N VAL A 159 -23.10 -16.92 -5.59
CA VAL A 159 -23.86 -15.76 -6.00
C VAL A 159 -24.94 -16.17 -7.01
N VAL A 160 -26.11 -15.54 -6.91
CA VAL A 160 -27.18 -15.76 -7.87
C VAL A 160 -27.26 -14.56 -8.81
N ILE A 161 -27.09 -14.81 -10.10
CA ILE A 161 -27.18 -13.75 -11.08
C ILE A 161 -28.51 -13.82 -11.83
N GLU A 162 -29.33 -12.79 -11.67
CA GLU A 162 -30.63 -12.70 -12.31
C GLU A 162 -30.64 -11.58 -13.34
N ALA A 163 -30.80 -11.94 -14.61
CA ALA A 163 -30.78 -10.98 -15.70
C ALA A 163 -32.13 -10.83 -16.42
N THR A 164 -32.70 -9.64 -16.35
CA THR A 164 -33.91 -9.33 -17.11
C THR A 164 -33.62 -8.15 -18.04
N LYS A 165 -34.64 -7.69 -18.75
CA LYS A 165 -34.45 -6.59 -19.71
C LYS A 165 -34.31 -5.24 -19.01
N GLU A 166 -34.66 -5.19 -17.73
CA GLU A 166 -34.65 -3.94 -16.98
C GLU A 166 -33.42 -3.82 -16.06
N GLY A 167 -32.59 -4.85 -16.04
CA GLY A 167 -31.37 -4.83 -15.25
C GLY A 167 -30.88 -6.18 -14.76
N VAL A 168 -29.84 -6.14 -13.94
CA VAL A 168 -29.22 -7.35 -13.39
C VAL A 168 -29.15 -7.35 -11.86
N LYS A 169 -29.60 -8.44 -11.24
CA LYS A 169 -29.55 -8.57 -9.79
C LYS A 169 -28.55 -9.65 -9.37
N PHE A 170 -27.63 -9.27 -8.47
CA PHE A 170 -26.67 -10.21 -7.93
C PHE A 170 -27.05 -10.58 -6.49
N SER A 171 -27.52 -11.80 -6.29
CA SER A 171 -28.04 -12.21 -4.99
C SER A 171 -27.04 -13.08 -4.23
N CYS A 172 -27.16 -13.06 -2.90
CA CYS A 172 -26.20 -13.74 -2.05
C CYS A 172 -26.80 -14.06 -0.68
N GLN A 173 -26.37 -15.17 -0.09
CA GLN A 173 -26.82 -15.55 1.25
C GLN A 173 -25.76 -16.35 1.99
N GLY A 174 -25.55 -16.00 3.27
CA GLY A 174 -24.55 -16.67 4.09
C GLY A 174 -24.92 -16.68 5.56
N ASP A 175 -23.98 -17.07 6.40
CA ASP A 175 -24.18 -17.14 7.85
C ASP A 175 -24.45 -15.77 8.46
N ILE A 176 -23.77 -14.75 7.96
CA ILE A 176 -23.95 -13.38 8.43
C ILE A 176 -25.35 -12.88 8.10
N GLY A 177 -25.77 -13.16 6.86
CA GLY A 177 -27.06 -12.75 6.38
C GLY A 177 -27.11 -12.83 4.87
N SER A 178 -28.01 -12.06 4.26
CA SER A 178 -28.15 -12.09 2.83
C SER A 178 -27.68 -10.78 2.23
N GLY A 179 -27.26 -10.83 0.97
CA GLY A 179 -26.80 -9.64 0.29
C GLY A 179 -27.29 -9.62 -1.14
N SER A 180 -27.59 -8.42 -1.63
CA SER A 180 -28.15 -8.27 -2.96
C SER A 180 -27.74 -6.94 -3.59
N VAL A 181 -27.28 -7.00 -4.84
CA VAL A 181 -26.96 -5.79 -5.59
C VAL A 181 -27.72 -5.76 -6.90
N THR A 182 -28.53 -4.72 -7.09
CA THR A 182 -29.30 -4.61 -8.32
C THR A 182 -28.90 -3.38 -9.13
N ILE A 183 -28.49 -3.63 -10.37
CA ILE A 183 -28.14 -2.56 -11.29
C ILE A 183 -29.18 -2.48 -12.40
N ARG A 184 -29.53 -1.28 -12.82
CA ARG A 184 -30.53 -1.13 -13.87
C ARG A 184 -29.85 -0.96 -15.21
N GLN A 185 -30.45 -1.54 -16.25
CA GLN A 185 -29.92 -1.36 -17.60
C GLN A 185 -30.09 0.09 -18.03
N HIS A 186 -28.99 0.82 -18.04
CA HIS A 186 -29.00 2.23 -18.39
C HIS A 186 -27.76 2.61 -19.19
N THR A 187 -27.92 3.50 -20.15
CA THR A 187 -26.78 3.98 -20.94
C THR A 187 -26.83 5.49 -20.95
N SER A 188 -25.66 6.10 -20.83
CA SER A 188 -25.55 7.55 -20.72
C SER A 188 -24.14 7.99 -21.09
N VAL A 189 -23.92 8.27 -22.38
CA VAL A 189 -22.59 8.53 -22.91
C VAL A 189 -21.80 9.54 -22.07
N ASP A 190 -22.47 10.52 -21.50
CA ASP A 190 -21.85 11.47 -20.58
C ASP A 190 -20.95 10.80 -19.53
N LYS A 191 -21.29 9.57 -19.17
CA LYS A 191 -20.45 8.77 -18.28
C LYS A 191 -20.40 7.32 -18.74
N PRO A 192 -19.43 6.98 -19.60
CA PRO A 192 -19.42 5.63 -20.17
C PRO A 192 -18.92 4.59 -19.17
N GLU A 193 -18.54 5.03 -17.98
CA GLU A 193 -18.04 4.13 -16.94
C GLU A 193 -19.15 3.63 -16.02
N GLN A 194 -20.38 4.08 -16.26
CA GLN A 194 -21.50 3.66 -15.42
C GLN A 194 -22.59 2.98 -16.25
N ASN A 195 -22.28 2.69 -17.50
CA ASN A 195 -23.30 2.20 -18.43
C ASN A 195 -23.48 0.69 -18.40
N VAL A 196 -24.74 0.27 -18.48
CA VAL A 196 -25.08 -1.16 -18.48
C VAL A 196 -26.05 -1.47 -19.60
N SER A 197 -25.63 -2.31 -20.55
CA SER A 197 -26.48 -2.70 -21.66
C SER A 197 -26.79 -4.20 -21.60
N ILE A 198 -28.04 -4.55 -21.90
CA ILE A 198 -28.47 -5.94 -21.81
C ILE A 198 -29.14 -6.43 -23.09
N ALA A 199 -28.52 -7.41 -23.74
CA ALA A 199 -29.13 -8.08 -24.88
C ALA A 199 -29.75 -9.39 -24.40
N LEU A 200 -31.07 -9.44 -24.39
CA LEU A 200 -31.79 -10.54 -23.78
C LEU A 200 -32.84 -11.15 -24.70
N SER A 201 -32.72 -12.46 -24.92
CA SER A 201 -33.73 -13.20 -25.68
C SER A 201 -34.66 -13.87 -24.70
N GLU A 202 -34.21 -14.01 -23.45
CA GLU A 202 -34.95 -14.71 -22.41
C GLU A 202 -34.30 -14.48 -21.05
N PRO A 203 -35.13 -14.26 -20.00
CA PRO A 203 -34.68 -14.08 -18.63
C PRO A 203 -33.86 -15.27 -18.11
N VAL A 204 -32.85 -15.00 -17.29
CA VAL A 204 -31.98 -16.06 -16.79
C VAL A 204 -31.68 -15.89 -15.29
N ALA A 205 -31.67 -17.00 -14.56
CA ALA A 205 -31.29 -17.00 -13.15
C ALA A 205 -30.33 -18.14 -12.88
N LEU A 206 -29.07 -17.80 -12.60
CA LEU A 206 -28.04 -18.81 -12.42
C LEU A 206 -27.19 -18.57 -11.17
N THR A 207 -26.62 -19.66 -10.65
CA THR A 207 -25.80 -19.61 -9.45
C THR A 207 -24.34 -19.95 -9.77
N PHE A 208 -23.41 -19.16 -9.25
CA PHE A 208 -22.00 -19.38 -9.53
C PHE A 208 -21.13 -19.29 -8.28
N SER A 209 -19.91 -19.81 -8.39
CA SER A 209 -18.95 -19.73 -7.30
C SER A 209 -18.25 -18.37 -7.31
N LEU A 210 -18.34 -17.66 -6.19
CA LEU A 210 -17.75 -16.33 -6.10
C LEU A 210 -16.23 -16.37 -6.09
N LYS A 211 -15.66 -17.49 -5.66
CA LYS A 211 -14.21 -17.64 -5.61
C LYS A 211 -13.59 -17.56 -6.99
N TYR A 212 -14.29 -18.09 -7.99
CA TYR A 212 -13.82 -18.04 -9.36
C TYR A 212 -14.07 -16.69 -9.99
N LEU A 213 -15.23 -16.11 -9.68
CA LEU A 213 -15.58 -14.80 -10.24
C LEU A 213 -14.61 -13.70 -9.81
N VAL A 214 -14.19 -13.72 -8.55
CA VAL A 214 -13.24 -12.70 -8.07
C VAL A 214 -11.88 -12.87 -8.75
N ASN A 215 -11.51 -14.10 -9.09
CA ASN A 215 -10.27 -14.34 -9.83
C ASN A 215 -10.39 -13.85 -11.26
N PHE A 216 -11.56 -14.03 -11.85
CA PHE A 216 -11.83 -13.54 -13.21
C PHE A 216 -11.66 -12.03 -13.23
N CYS A 217 -11.99 -11.39 -12.13
CA CYS A 217 -11.97 -9.93 -12.03
C CYS A 217 -10.55 -9.38 -11.85
N LYS A 218 -9.56 -10.25 -11.90
CA LYS A 218 -8.17 -9.81 -11.90
C LYS A 218 -7.79 -9.29 -13.29
N ALA A 219 -8.72 -9.44 -14.24
CA ALA A 219 -8.53 -8.95 -15.59
C ALA A 219 -9.15 -7.57 -15.76
N THR A 220 -9.61 -6.98 -14.66
CA THR A 220 -10.24 -5.66 -14.68
C THR A 220 -9.28 -4.61 -15.23
N SER A 221 -7.98 -4.83 -15.04
CA SER A 221 -6.96 -3.90 -15.51
C SER A 221 -6.86 -3.88 -17.04
N LEU A 222 -7.47 -4.86 -17.69
CA LEU A 222 -7.41 -4.98 -19.14
C LEU A 222 -8.44 -4.12 -19.84
N SER A 223 -9.64 -4.07 -19.29
CA SER A 223 -10.74 -3.32 -19.90
C SER A 223 -11.61 -2.62 -18.87
N SER A 224 -12.20 -1.50 -19.26
CA SER A 224 -13.13 -0.80 -18.40
C SER A 224 -14.50 -1.48 -18.46
N LYS A 225 -14.69 -2.30 -19.47
CA LYS A 225 -15.95 -3.02 -19.66
C LYS A 225 -15.75 -4.54 -19.55
N VAL A 226 -16.82 -5.23 -19.13
CA VAL A 226 -16.82 -6.68 -19.06
C VAL A 226 -18.12 -7.21 -19.66
N THR A 227 -18.07 -8.39 -20.26
CA THR A 227 -19.25 -8.98 -20.87
C THR A 227 -19.62 -10.30 -20.20
N LEU A 228 -20.87 -10.37 -19.74
CA LEU A 228 -21.40 -11.58 -19.12
C LEU A 228 -22.39 -12.26 -20.05
N CYS A 229 -22.12 -13.51 -20.40
CA CYS A 229 -23.00 -14.28 -21.28
C CYS A 229 -23.61 -15.44 -20.51
N LEU A 230 -24.93 -15.46 -20.43
CA LEU A 230 -25.61 -16.43 -19.59
C LEU A 230 -26.61 -17.28 -20.36
N SER A 231 -26.77 -18.52 -19.89
CA SER A 231 -27.76 -19.47 -20.42
C SER A 231 -27.77 -20.69 -19.50
N GLN A 232 -28.91 -21.36 -19.42
CA GLN A 232 -29.06 -22.51 -18.53
C GLN A 232 -28.44 -23.80 -19.07
N GLU A 233 -28.17 -23.85 -20.37
CA GLU A 233 -27.65 -25.08 -20.96
C GLU A 233 -26.15 -25.02 -21.27
N VAL A 234 -25.54 -23.86 -21.03
CA VAL A 234 -24.10 -23.69 -21.24
C VAL A 234 -23.47 -22.92 -20.08
N PRO A 235 -22.15 -23.14 -19.85
CA PRO A 235 -21.47 -22.43 -18.76
C PRO A 235 -21.41 -20.92 -18.98
N LEU A 236 -21.19 -20.18 -17.91
CA LEU A 236 -21.06 -18.72 -17.98
C LEU A 236 -19.82 -18.28 -18.74
N LEU A 237 -19.99 -17.29 -19.60
CA LEU A 237 -18.86 -16.68 -20.31
C LEU A 237 -18.60 -15.27 -19.79
N VAL A 238 -17.39 -15.05 -19.29
CA VAL A 238 -16.97 -13.73 -18.86
C VAL A 238 -15.83 -13.26 -19.76
N GLU A 239 -16.10 -12.24 -20.57
CA GLU A 239 -15.13 -11.81 -21.57
C GLU A 239 -14.61 -10.39 -21.33
N TYR A 240 -13.31 -10.21 -21.53
CA TYR A 240 -12.67 -8.91 -21.45
C TYR A 240 -12.05 -8.58 -22.81
N GLY A 241 -12.34 -7.39 -23.31
CA GLY A 241 -11.80 -6.94 -24.59
C GLY A 241 -10.36 -6.49 -24.46
N LEU A 242 -9.47 -7.15 -25.19
CA LEU A 242 -8.05 -6.79 -25.18
C LEU A 242 -7.74 -5.72 -26.23
N GLY A 243 -8.75 -5.33 -26.99
CA GLY A 243 -8.58 -4.44 -28.11
C GLY A 243 -8.32 -5.22 -29.38
N SER A 244 -7.22 -5.96 -29.42
CA SER A 244 -6.96 -6.83 -30.56
C SER A 244 -7.05 -8.29 -30.10
N GLY A 245 -8.27 -8.68 -29.73
CA GLY A 245 -8.61 -10.05 -29.39
C GLY A 245 -9.47 -10.13 -28.15
N HIS A 246 -9.12 -11.00 -27.21
CA HIS A 246 -9.96 -11.22 -26.03
C HIS A 246 -9.31 -12.07 -24.95
N LEU A 247 -9.85 -11.98 -23.73
CA LEU A 247 -9.53 -12.91 -22.66
C LEU A 247 -10.87 -13.45 -22.12
N ARG A 248 -11.10 -14.75 -22.27
CA ARG A 248 -12.37 -15.33 -21.88
C ARG A 248 -12.27 -16.24 -20.67
N PHE A 249 -13.24 -16.14 -19.77
CA PHE A 249 -13.35 -17.05 -18.64
C PHE A 249 -14.67 -17.81 -18.71
N TYR A 250 -14.59 -19.14 -18.70
CA TYR A 250 -15.80 -19.97 -18.70
C TYR A 250 -16.02 -20.62 -17.33
N LEU A 251 -17.22 -20.45 -16.79
CA LEU A 251 -17.54 -21.02 -15.48
C LEU A 251 -18.92 -21.69 -15.48
N ALA A 252 -18.95 -22.98 -15.16
CA ALA A 252 -20.19 -23.74 -15.11
C ALA A 252 -21.10 -23.32 -13.96
N PRO A 253 -22.42 -23.25 -14.22
CA PRO A 253 -23.41 -22.92 -13.20
C PRO A 253 -23.58 -24.03 -12.19
N LYS A 254 -24.09 -23.70 -11.01
CA LYS A 254 -24.37 -24.71 -9.99
C LYS A 254 -25.85 -25.09 -10.03
N ILE A 255 -26.14 -26.28 -10.56
CA ILE A 255 -27.51 -26.76 -10.69
C ILE A 255 -28.07 -27.20 -9.33
N MET B 2 30.24 21.67 22.45
CA MET B 2 28.93 21.07 22.19
C MET B 2 28.72 20.83 20.70
N LEU B 3 27.79 19.94 20.38
CA LEU B 3 27.48 19.62 18.99
C LEU B 3 26.08 20.12 18.63
N GLU B 4 25.98 20.82 17.51
CA GLU B 4 24.68 21.22 16.99
C GLU B 4 24.66 21.23 15.48
N ALA B 5 23.73 20.49 14.89
CA ALA B 5 23.58 20.42 13.45
C ALA B 5 22.10 20.50 13.09
N ARG B 6 21.74 21.51 12.29
CA ARG B 6 20.34 21.71 11.94
C ARG B 6 20.08 21.53 10.45
N LEU B 7 19.21 20.57 10.13
CA LEU B 7 18.80 20.36 8.75
C LEU B 7 17.47 21.05 8.49
N GLU B 8 17.43 21.88 7.46
CA GLU B 8 16.20 22.55 7.04
C GLU B 8 15.08 21.53 6.81
N GLN B 9 15.40 20.46 6.10
CA GLN B 9 14.43 19.39 5.87
C GLN B 9 14.97 18.06 6.40
N ALA B 10 14.20 17.45 7.29
CA ALA B 10 14.57 16.18 7.91
C ALA B 10 14.61 15.03 6.91
N SER B 11 14.04 15.26 5.73
CA SER B 11 13.94 14.23 4.69
C SER B 11 15.29 13.58 4.36
N LEU B 12 16.34 14.39 4.30
CA LEU B 12 17.67 13.89 3.98
C LEU B 12 18.14 12.81 4.96
N LEU B 13 18.12 13.14 6.25
CA LEU B 13 18.60 12.21 7.27
C LEU B 13 17.70 10.97 7.40
N LYS B 14 16.41 11.17 7.17
CA LYS B 14 15.47 10.04 7.21
C LYS B 14 15.81 9.02 6.14
N ARG B 15 16.12 9.49 4.93
CA ARG B 15 16.40 8.60 3.81
C ARG B 15 17.78 7.97 3.89
N VAL B 16 18.76 8.71 4.40
CA VAL B 16 20.11 8.17 4.56
C VAL B 16 20.10 6.98 5.53
N VAL B 17 19.45 7.17 6.67
CA VAL B 17 19.35 6.11 7.67
C VAL B 17 18.60 4.90 7.12
N ASP B 18 17.54 5.16 6.35
CA ASP B 18 16.74 4.09 5.76
C ASP B 18 17.52 3.29 4.72
N ALA B 19 18.58 3.89 4.19
CA ALA B 19 19.40 3.22 3.19
C ALA B 19 20.45 2.31 3.83
N ILE B 20 20.81 2.62 5.07
CA ILE B 20 21.87 1.91 5.77
C ILE B 20 21.31 0.90 6.78
N LYS B 21 20.09 1.14 7.24
CA LYS B 21 19.51 0.41 8.36
C LYS B 21 19.46 -1.11 8.18
N ASP B 22 19.41 -1.58 6.93
CA ASP B 22 19.27 -3.00 6.68
C ASP B 22 20.63 -3.70 6.56
N LEU B 23 21.70 -2.92 6.51
CA LEU B 23 23.05 -3.48 6.45
C LEU B 23 23.75 -3.40 7.80
N VAL B 24 23.83 -2.19 8.34
CA VAL B 24 24.44 -1.99 9.65
C VAL B 24 23.36 -1.63 10.66
N GLN B 25 23.54 -2.05 11.90
CA GLN B 25 22.58 -1.74 12.96
C GLN B 25 23.23 -0.84 14.01
N ASP B 26 24.37 -1.29 14.53
CA ASP B 26 25.11 -0.53 15.53
C ASP B 26 26.39 0.02 14.93
N CYS B 27 26.51 1.35 14.92
CA CYS B 27 27.66 2.01 14.32
C CYS B 27 27.90 3.38 14.92
N ASN B 28 29.08 3.93 14.66
CA ASN B 28 29.44 5.24 15.19
C ASN B 28 29.21 6.37 14.21
N PHE B 29 28.68 7.48 14.71
CA PHE B 29 28.61 8.70 13.94
C PHE B 29 29.75 9.61 14.37
N ASP B 30 30.82 9.61 13.59
CA ASP B 30 32.01 10.40 13.92
C ASP B 30 31.76 11.85 13.52
N CYS B 31 31.87 12.75 14.50
CA CYS B 31 31.58 14.16 14.26
C CYS B 31 32.78 15.05 14.50
N ASN B 32 33.06 15.93 13.56
CA ASN B 32 34.06 16.98 13.74
C ASN B 32 33.62 18.24 13.01
N ASP B 33 34.56 19.15 12.77
CA ASP B 33 34.26 20.41 12.11
C ASP B 33 33.92 20.21 10.64
N SER B 34 34.31 19.06 10.10
CA SER B 34 34.06 18.75 8.70
C SER B 34 32.62 18.29 8.48
N GLY B 35 32.04 17.68 9.51
CA GLY B 35 30.68 17.20 9.40
C GLY B 35 30.48 15.88 10.12
N ILE B 36 29.40 15.19 9.79
CA ILE B 36 29.10 13.91 10.40
C ILE B 36 29.41 12.77 9.43
N ALA B 37 30.31 11.89 9.85
CA ALA B 37 30.73 10.79 9.00
C ALA B 37 30.40 9.45 9.64
N LEU B 38 30.19 8.44 8.79
CA LEU B 38 29.92 7.09 9.25
C LEU B 38 30.70 6.08 8.43
N GLN B 39 31.38 5.17 9.11
CA GLN B 39 32.07 4.08 8.45
C GLN B 39 31.82 2.78 9.20
N ALA B 40 31.05 1.89 8.60
CA ALA B 40 30.67 0.65 9.26
C ALA B 40 30.60 -0.50 8.26
N MET B 41 30.93 -1.70 8.74
CA MET B 41 30.93 -2.88 7.90
C MET B 41 29.67 -3.71 8.11
N ASP B 42 29.19 -4.34 7.04
CA ASP B 42 28.04 -5.24 7.10
C ASP B 42 28.25 -6.32 8.15
N ASN B 43 27.17 -6.80 8.76
CA ASN B 43 27.23 -7.84 9.78
C ASN B 43 27.94 -9.11 9.31
N SER B 44 27.89 -9.38 8.01
CA SER B 44 28.54 -10.55 7.44
C SER B 44 29.94 -10.24 6.92
N HIS B 45 30.42 -9.02 7.18
CA HIS B 45 31.75 -8.58 6.78
C HIS B 45 31.99 -8.73 5.28
N VAL B 46 31.02 -8.28 4.49
CA VAL B 46 31.14 -8.34 3.04
C VAL B 46 31.08 -6.94 2.45
N ALA B 47 30.11 -6.16 2.90
CA ALA B 47 29.93 -4.80 2.44
C ALA B 47 30.39 -3.77 3.47
N LEU B 48 30.92 -2.64 2.99
CA LEU B 48 31.28 -1.55 3.88
C LEU B 48 30.47 -0.31 3.49
N VAL B 49 29.90 0.36 4.49
CA VAL B 49 29.14 1.59 4.27
C VAL B 49 29.91 2.81 4.74
N SER B 50 30.11 3.77 3.83
CA SER B 50 30.82 5.00 4.18
C SER B 50 29.98 6.23 3.85
N MET B 51 29.58 6.95 4.89
CA MET B 51 28.72 8.12 4.74
C MET B 51 29.41 9.40 5.20
N LEU B 52 29.19 10.49 4.47
CA LEU B 52 29.70 11.78 4.89
C LEU B 52 28.65 12.87 4.73
N LEU B 53 28.29 13.49 5.85
CA LEU B 53 27.38 14.64 5.86
C LEU B 53 28.19 15.90 6.12
N LYS B 54 28.46 16.66 5.07
CA LYS B 54 29.34 17.81 5.16
C LYS B 54 28.71 18.96 5.94
N ALA B 55 29.55 19.71 6.64
CA ALA B 55 29.10 20.77 7.53
C ALA B 55 28.36 21.88 6.79
N GLU B 56 28.66 22.05 5.51
CA GLU B 56 28.04 23.10 4.70
C GLU B 56 26.61 22.74 4.30
N GLY B 57 26.17 21.54 4.67
CA GLY B 57 24.82 21.10 4.37
C GLY B 57 23.92 21.34 5.56
N PHE B 58 24.53 21.75 6.66
CA PHE B 58 23.79 22.09 7.87
C PHE B 58 23.82 23.60 8.08
N SER B 59 22.72 24.14 8.59
CA SER B 59 22.67 25.56 8.92
C SER B 59 21.86 25.77 10.19
N PRO B 60 22.56 26.02 11.31
CA PRO B 60 24.01 26.09 11.38
C PRO B 60 24.66 24.74 11.68
N TYR B 61 25.99 24.70 11.72
CA TYR B 61 26.69 23.50 12.16
C TYR B 61 27.81 23.88 13.12
N ARG B 62 27.79 23.27 14.30
CA ARG B 62 28.79 23.54 15.32
C ARG B 62 29.30 22.23 15.91
N CYS B 63 30.61 22.08 15.97
CA CYS B 63 31.21 20.91 16.59
C CYS B 63 32.54 21.28 17.23
N ASP B 64 32.52 21.45 18.55
CA ASP B 64 33.67 21.94 19.30
C ASP B 64 34.75 20.86 19.47
N ARG B 65 34.31 19.61 19.42
CA ARG B 65 35.19 18.48 19.73
C ARG B 65 34.91 17.28 18.83
N ASN B 66 35.97 16.60 18.40
CA ASN B 66 35.81 15.33 17.70
C ASN B 66 35.13 14.34 18.64
N ILE B 67 33.96 13.85 18.25
CA ILE B 67 33.16 13.01 19.13
C ILE B 67 32.57 11.84 18.38
N ALA B 68 32.50 10.69 19.06
CA ALA B 68 31.90 9.50 18.49
C ALA B 68 30.56 9.22 19.14
N LEU B 69 29.52 9.11 18.32
CA LEU B 69 28.19 8.83 18.83
C LEU B 69 27.74 7.43 18.43
N GLY B 70 27.81 6.48 19.36
CA GLY B 70 27.35 5.14 19.12
C GLY B 70 25.84 5.09 19.11
N ILE B 71 25.25 4.80 17.95
CA ILE B 71 23.80 4.81 17.80
C ILE B 71 23.27 3.57 17.10
N ASN B 72 22.31 2.91 17.72
CA ASN B 72 21.58 1.83 17.08
C ASN B 72 20.67 2.41 16.00
N LEU B 73 20.81 1.92 14.77
CA LEU B 73 20.06 2.47 13.65
C LEU B 73 18.58 2.10 13.71
N VAL B 74 18.28 0.97 14.33
CA VAL B 74 16.89 0.56 14.55
C VAL B 74 16.20 1.57 15.45
N SER B 75 16.90 1.96 16.51
CA SER B 75 16.38 2.95 17.44
C SER B 75 16.18 4.29 16.74
N LEU B 76 17.12 4.66 15.88
CA LEU B 76 17.10 5.94 15.20
C LEU B 76 16.01 6.08 14.13
N THR B 77 15.76 5.01 13.39
CA THR B 77 14.76 5.05 12.32
C THR B 77 13.35 5.21 12.90
N LYS B 78 13.10 4.57 14.03
CA LYS B 78 11.82 4.67 14.71
C LYS B 78 11.56 6.13 15.13
N VAL B 79 12.60 6.77 15.63
CA VAL B 79 12.51 8.17 16.06
C VAL B 79 12.39 9.09 14.85
N LEU B 80 13.10 8.78 13.78
CA LEU B 80 13.08 9.64 12.59
C LEU B 80 11.80 9.50 11.78
N ARG B 81 10.99 8.49 12.09
CA ARG B 81 9.71 8.34 11.42
C ARG B 81 8.66 9.18 12.13
N ALA B 82 9.09 9.87 13.18
CA ALA B 82 8.23 10.78 13.91
C ALA B 82 8.38 12.17 13.32
N ALA B 83 9.38 12.33 12.45
CA ALA B 83 9.63 13.59 11.78
C ALA B 83 9.07 13.56 10.36
N GLN B 84 8.37 14.63 9.99
CA GLN B 84 7.92 14.79 8.61
C GLN B 84 9.08 15.29 7.76
N ASN B 85 9.00 15.06 6.45
CA ASN B 85 10.10 15.40 5.54
C ASN B 85 10.45 16.88 5.51
N GLU B 86 9.48 17.74 5.80
CA GLU B 86 9.68 19.17 5.72
C GLU B 86 9.89 19.79 7.10
N ASP B 87 10.04 18.94 8.11
CA ASP B 87 10.31 19.41 9.47
C ASP B 87 11.75 19.90 9.61
N ILE B 88 11.95 20.88 10.48
CA ILE B 88 13.29 21.35 10.82
C ILE B 88 13.93 20.41 11.82
N LEU B 89 14.97 19.69 11.40
CA LEU B 89 15.64 18.74 12.28
C LEU B 89 16.87 19.38 12.90
N THR B 90 16.98 19.29 14.22
CA THR B 90 18.15 19.79 14.91
C THR B 90 18.76 18.73 15.81
N LEU B 91 19.98 18.34 15.50
CA LEU B 91 20.70 17.35 16.29
C LEU B 91 21.66 18.06 17.26
N LYS B 92 21.50 17.80 18.55
CA LYS B 92 22.32 18.45 19.56
C LYS B 92 22.98 17.43 20.49
N ALA B 93 24.10 17.84 21.08
CA ALA B 93 24.81 17.00 22.05
C ALA B 93 25.65 17.86 22.98
N ASP B 94 25.88 17.36 24.19
CA ASP B 94 26.72 18.06 25.15
C ASP B 94 28.17 17.60 25.02
N ASP B 95 29.04 18.11 25.90
CA ASP B 95 30.43 17.69 25.97
C ASP B 95 30.58 16.34 26.67
N SER B 96 29.52 15.52 26.60
CA SER B 96 29.55 14.18 27.17
C SER B 96 28.51 13.29 26.49
N PRO B 97 28.91 12.07 26.13
CA PRO B 97 28.11 11.22 25.25
C PRO B 97 27.19 10.27 26.02
N ASP B 98 26.29 10.81 26.83
CA ASP B 98 25.28 9.98 27.48
C ASP B 98 24.05 9.80 26.59
N ALA B 99 23.73 10.83 25.82
CA ALA B 99 22.56 10.80 24.94
C ALA B 99 22.68 11.81 23.81
N VAL B 100 21.90 11.61 22.75
CA VAL B 100 21.84 12.56 21.64
C VAL B 100 20.44 13.18 21.57
N ASN B 101 20.38 14.49 21.35
CA ASN B 101 19.10 15.19 21.31
C ASN B 101 18.64 15.47 19.88
N LEU B 102 17.41 15.06 19.58
CA LEU B 102 16.84 15.27 18.26
C LEU B 102 15.58 16.12 18.36
N MET B 103 15.60 17.28 17.71
CA MET B 103 14.48 18.20 17.78
C MET B 103 13.79 18.38 16.42
N PHE B 104 12.49 18.16 16.39
CA PHE B 104 11.72 18.28 15.15
C PHE B 104 10.78 19.48 15.22
N GLU B 105 11.12 20.52 14.47
CA GLU B 105 10.31 21.73 14.43
C GLU B 105 9.46 21.78 13.16
N SER B 106 8.19 22.13 13.33
CA SER B 106 7.29 22.27 12.18
C SER B 106 7.23 23.73 11.75
N ALA B 107 7.33 23.97 10.45
CA ALA B 107 7.31 25.32 9.91
C ALA B 107 5.92 25.94 10.01
N GLU B 108 4.90 25.10 9.88
CA GLU B 108 3.52 25.57 9.95
C GLU B 108 3.01 25.53 11.37
N THR B 109 2.56 24.36 11.80
CA THR B 109 2.04 24.19 13.15
C THR B 109 3.10 24.52 14.21
N ASP B 110 2.66 25.19 15.27
CA ASP B 110 3.56 25.56 16.36
C ASP B 110 3.82 24.36 17.27
N ARG B 111 4.26 23.26 16.66
CA ARG B 111 4.51 22.01 17.36
C ARG B 111 5.99 21.68 17.41
N ILE B 112 6.48 21.41 18.61
CA ILE B 112 7.89 21.04 18.77
C ILE B 112 8.01 19.61 19.30
N SER B 113 8.82 18.80 18.61
CA SER B 113 9.05 17.43 19.04
C SER B 113 10.51 17.23 19.40
N GLU B 114 10.76 16.74 20.61
CA GLU B 114 12.11 16.51 21.09
C GLU B 114 12.32 15.06 21.51
N TYR B 115 13.42 14.46 21.08
CA TYR B 115 13.74 13.08 21.42
C TYR B 115 15.18 12.96 21.91
N ASP B 116 15.36 12.19 22.98
CA ASP B 116 16.68 11.90 23.52
C ASP B 116 17.01 10.41 23.38
N ILE B 117 17.90 10.10 22.43
CA ILE B 117 18.29 8.72 22.19
C ILE B 117 19.54 8.38 22.99
N LYS B 118 19.44 7.34 23.82
CA LYS B 118 20.57 6.88 24.63
C LYS B 118 21.70 6.39 23.74
N LEU B 119 22.91 6.89 24.00
CA LEU B 119 24.07 6.50 23.21
C LEU B 119 24.66 5.18 23.67
N MET B 120 25.43 4.54 22.80
CA MET B 120 26.12 3.30 23.12
C MET B 120 27.63 3.46 22.98
N ASP B 121 28.37 2.50 23.56
CA ASP B 121 29.82 2.49 23.45
C ASP B 121 30.24 1.55 22.33
N ILE B 122 30.61 2.12 21.19
CA ILE B 122 31.04 1.32 20.03
C ILE B 122 32.42 1.72 19.56
N ASP B 123 33.25 0.72 19.26
CA ASP B 123 34.61 0.97 18.78
C ASP B 123 34.64 0.85 17.26
N GLN B 124 35.37 1.74 16.60
CA GLN B 124 35.41 1.77 15.14
C GLN B 124 36.61 1.03 14.56
N GLU B 125 36.58 0.80 13.25
CA GLU B 125 37.65 0.09 12.55
C GLU B 125 38.67 1.09 12.01
N HIS B 126 39.75 0.59 11.41
CA HIS B 126 40.89 1.45 11.05
C HIS B 126 40.55 2.63 10.10
N LEU B 127 39.97 2.42 8.91
CA LEU B 127 39.66 1.14 8.27
C LEU B 127 39.95 1.22 6.76
N ALA B 128 40.37 0.10 6.19
CA ALA B 128 40.62 0.01 4.76
C ALA B 128 39.31 0.05 3.98
N ILE B 129 39.28 0.68 2.80
CA ILE B 129 40.47 1.25 2.16
C ILE B 129 40.20 2.67 1.65
N PRO B 130 41.24 3.51 1.64
CA PRO B 130 41.11 4.93 1.27
C PRO B 130 40.72 5.21 -0.18
N GLU B 131 41.72 5.38 -1.05
CA GLU B 131 41.48 5.88 -2.40
C GLU B 131 42.10 5.03 -3.51
N THR B 132 41.37 4.00 -3.94
CA THR B 132 41.82 3.12 -5.00
C THR B 132 41.56 3.75 -6.36
N GLU B 133 42.50 3.57 -7.29
CA GLU B 133 42.32 4.06 -8.66
C GLU B 133 41.64 2.97 -9.47
N TYR B 134 40.49 3.31 -10.04
CA TYR B 134 39.63 2.33 -10.72
C TYR B 134 39.81 2.28 -12.23
N ALA B 135 39.65 1.08 -12.78
CA ALA B 135 39.80 0.84 -14.21
C ALA B 135 38.57 1.30 -14.99
N ALA B 136 37.41 1.26 -14.33
CA ALA B 136 36.17 1.67 -14.99
C ALA B 136 35.27 2.47 -14.05
N THR B 137 34.75 3.59 -14.56
CA THR B 137 33.84 4.43 -13.81
C THR B 137 32.56 4.68 -14.60
N VAL B 138 31.43 4.27 -14.02
CA VAL B 138 30.15 4.42 -14.69
C VAL B 138 29.21 5.35 -13.92
N GLU B 139 28.82 6.45 -14.53
CA GLU B 139 27.80 7.32 -13.95
C GLU B 139 26.49 7.15 -14.71
N MET B 140 25.46 6.69 -14.01
CA MET B 140 24.17 6.42 -14.62
C MET B 140 23.04 6.85 -13.69
N PRO B 141 21.81 6.98 -14.23
CA PRO B 141 20.68 7.31 -13.35
C PRO B 141 20.47 6.25 -12.27
N SER B 142 20.37 6.67 -11.02
CA SER B 142 20.20 5.75 -9.90
C SER B 142 18.89 4.98 -10.02
N ALA B 143 17.87 5.64 -10.54
CA ALA B 143 16.57 5.01 -10.74
C ALA B 143 16.66 3.86 -11.73
N GLU B 144 17.49 4.05 -12.75
CA GLU B 144 17.70 3.02 -13.75
C GLU B 144 18.50 1.87 -13.16
N PHE B 145 19.56 2.21 -12.43
CA PHE B 145 20.41 1.22 -11.78
C PHE B 145 19.63 0.37 -10.78
N GLN B 146 18.69 0.99 -10.09
CA GLN B 146 17.85 0.28 -9.13
C GLN B 146 16.95 -0.74 -9.81
N ARG B 147 16.36 -0.35 -10.94
CA ARG B 147 15.47 -1.25 -11.67
C ARG B 147 16.25 -2.42 -12.25
N ILE B 148 17.47 -2.15 -12.71
CA ILE B 148 18.30 -3.19 -13.29
C ILE B 148 18.60 -4.26 -12.24
N CYS B 149 18.94 -3.81 -11.04
CA CYS B 149 19.26 -4.72 -9.95
C CYS B 149 18.07 -5.54 -9.48
N ARG B 150 16.93 -4.88 -9.26
CA ARG B 150 15.74 -5.57 -8.75
C ARG B 150 15.17 -6.55 -9.78
N ASP B 151 15.30 -6.20 -11.06
CA ASP B 151 14.82 -7.06 -12.12
C ASP B 151 15.62 -8.35 -12.23
N LEU B 152 16.95 -8.22 -12.22
CA LEU B 152 17.83 -9.38 -12.33
C LEU B 152 17.80 -10.22 -11.06
N ASN B 153 17.46 -9.58 -9.94
CA ASN B 153 17.38 -10.27 -8.66
C ASN B 153 16.25 -11.30 -8.65
N ALA B 154 15.30 -11.14 -9.57
CA ALA B 154 14.18 -12.06 -9.69
C ALA B 154 14.61 -13.38 -10.30
N LEU B 155 15.65 -13.34 -11.14
CA LEU B 155 16.14 -14.53 -11.82
C LEU B 155 17.27 -15.24 -11.07
N SER B 156 18.14 -14.46 -10.43
CA SER B 156 19.28 -15.05 -9.72
C SER B 156 19.72 -14.22 -8.52
N GLU B 157 20.68 -14.76 -7.76
CA GLU B 157 21.20 -14.09 -6.58
C GLU B 157 22.54 -13.41 -6.87
N SER B 158 23.02 -13.57 -8.09
CA SER B 158 24.31 -13.03 -8.49
C SER B 158 24.21 -12.33 -9.86
N VAL B 159 25.01 -11.28 -10.04
CA VAL B 159 25.00 -10.54 -11.30
C VAL B 159 26.43 -10.38 -11.83
N VAL B 160 26.58 -10.49 -13.15
CA VAL B 160 27.88 -10.28 -13.78
C VAL B 160 27.94 -8.93 -14.48
N ILE B 161 28.86 -8.09 -14.05
CA ILE B 161 29.01 -6.76 -14.66
C ILE B 161 30.20 -6.71 -15.60
N GLU B 162 29.92 -6.53 -16.89
CA GLU B 162 30.98 -6.44 -17.89
C GLU B 162 31.04 -5.03 -18.47
N ALA B 163 32.13 -4.33 -18.21
CA ALA B 163 32.28 -2.97 -18.72
C ALA B 163 33.40 -2.91 -19.76
N THR B 164 33.02 -2.62 -20.99
CA THR B 164 33.98 -2.42 -22.07
C THR B 164 33.81 -1.03 -22.67
N LYS B 165 34.52 -0.76 -23.75
CA LYS B 165 34.48 0.55 -24.39
C LYS B 165 33.17 0.79 -25.13
N GLU B 166 32.38 -0.27 -25.31
CA GLU B 166 31.13 -0.17 -26.05
C GLU B 166 29.91 -0.09 -25.15
N GLY B 167 30.11 -0.22 -23.84
CA GLY B 167 29.02 -0.11 -22.89
C GLY B 167 29.17 -0.96 -21.66
N VAL B 168 28.12 -1.04 -20.85
CA VAL B 168 28.13 -1.84 -19.63
C VAL B 168 27.01 -2.87 -19.69
N LYS B 169 27.37 -4.13 -19.49
CA LYS B 169 26.39 -5.22 -19.54
C LYS B 169 26.20 -5.87 -18.17
N PHE B 170 24.95 -5.96 -17.75
CA PHE B 170 24.60 -6.64 -16.51
C PHE B 170 23.99 -8.00 -16.80
N SER B 171 24.76 -9.06 -16.56
CA SER B 171 24.35 -10.40 -16.94
C SER B 171 23.84 -11.21 -15.75
N CYS B 172 22.98 -12.17 -16.03
CA CYS B 172 22.34 -12.97 -14.99
C CYS B 172 21.86 -14.31 -15.55
N GLN B 173 21.91 -15.35 -14.73
CA GLN B 173 21.38 -16.66 -15.14
C GLN B 173 20.89 -17.47 -13.94
N GLY B 174 19.77 -18.15 -14.11
CA GLY B 174 19.20 -18.96 -13.05
C GLY B 174 18.46 -20.16 -13.60
N ASP B 175 17.72 -20.86 -12.74
CA ASP B 175 16.97 -22.05 -13.14
C ASP B 175 15.90 -21.68 -14.16
N ILE B 176 15.30 -20.51 -13.97
CA ILE B 176 14.28 -20.00 -14.88
C ILE B 176 14.87 -19.72 -16.25
N GLY B 177 16.04 -19.07 -16.25
CA GLY B 177 16.71 -18.73 -17.48
C GLY B 177 17.77 -17.66 -17.28
N SER B 178 18.10 -16.96 -18.36
CA SER B 178 19.12 -15.92 -18.31
C SER B 178 18.52 -14.52 -18.49
N GLY B 179 19.23 -13.51 -17.99
CA GLY B 179 18.78 -12.14 -18.11
C GLY B 179 19.94 -11.21 -18.41
N SER B 180 19.67 -10.17 -19.19
CA SER B 180 20.72 -9.26 -19.63
C SER B 180 20.24 -7.83 -19.83
N VAL B 181 20.96 -6.87 -19.25
CA VAL B 181 20.68 -5.46 -19.46
C VAL B 181 21.93 -4.74 -19.95
N THR B 182 21.84 -4.13 -21.13
CA THR B 182 22.96 -3.41 -21.70
C THR B 182 22.67 -1.92 -21.83
N ILE B 183 23.51 -1.10 -21.21
CA ILE B 183 23.35 0.34 -21.32
C ILE B 183 24.46 0.93 -22.17
N ARG B 184 24.11 1.87 -23.03
CA ARG B 184 25.09 2.49 -23.91
C ARG B 184 25.52 3.83 -23.34
N GLN B 185 26.80 4.15 -23.52
CA GLN B 185 27.33 5.44 -23.10
C GLN B 185 26.71 6.57 -23.91
N HIS B 186 25.95 7.44 -23.25
CA HIS B 186 25.28 8.53 -23.93
C HIS B 186 25.53 9.82 -23.17
N THR B 187 25.86 10.88 -23.90
CA THR B 187 26.20 12.17 -23.30
C THR B 187 25.56 13.35 -24.02
N SER B 188 25.18 14.37 -23.25
CA SER B 188 24.58 15.60 -23.76
C SER B 188 23.23 15.39 -24.42
N VAL B 189 22.46 14.46 -23.88
CA VAL B 189 21.04 14.34 -24.19
C VAL B 189 20.31 15.67 -23.96
N ASP B 190 20.83 16.45 -23.01
CA ASP B 190 20.30 17.76 -22.62
C ASP B 190 19.03 17.52 -21.83
N LYS B 191 18.90 16.26 -21.44
CA LYS B 191 17.86 15.77 -20.54
C LYS B 191 18.63 14.79 -19.66
N PRO B 192 19.10 15.28 -18.50
CA PRO B 192 20.07 14.57 -17.66
C PRO B 192 19.54 13.29 -17.01
N GLU B 193 18.30 12.91 -17.30
CA GLU B 193 17.75 11.69 -16.75
C GLU B 193 18.05 10.49 -17.65
N GLN B 194 18.73 10.74 -18.77
CA GLN B 194 19.05 9.67 -19.71
C GLN B 194 20.55 9.50 -19.94
N ASN B 195 21.38 10.21 -19.16
CA ASN B 195 22.81 10.21 -19.44
C ASN B 195 23.59 9.09 -18.76
N VAL B 196 24.50 8.49 -19.51
CA VAL B 196 25.37 7.43 -19.02
C VAL B 196 26.81 7.70 -19.48
N SER B 197 27.70 7.91 -18.52
CA SER B 197 29.09 8.19 -18.86
C SER B 197 30.00 7.07 -18.39
N ILE B 198 30.95 6.69 -19.24
CA ILE B 198 31.87 5.60 -18.93
C ILE B 198 33.33 6.00 -19.14
N ALA B 199 34.07 6.04 -18.04
CA ALA B 199 35.51 6.25 -18.10
C ALA B 199 36.21 4.90 -17.95
N LEU B 200 36.85 4.43 -19.01
CA LEU B 200 37.40 3.09 -19.00
C LEU B 200 38.87 3.07 -19.39
N SER B 201 39.68 2.51 -18.50
CA SER B 201 41.10 2.32 -18.75
C SER B 201 41.40 0.89 -19.21
N GLU B 202 40.49 -0.01 -18.90
CA GLU B 202 40.66 -1.44 -19.17
C GLU B 202 39.34 -2.18 -18.93
N PRO B 203 39.01 -3.15 -19.81
CA PRO B 203 37.80 -3.94 -19.64
C PRO B 203 37.76 -4.68 -18.30
N VAL B 204 36.57 -4.77 -17.71
CA VAL B 204 36.41 -5.43 -16.41
C VAL B 204 35.19 -6.34 -16.42
N ALA B 205 35.32 -7.53 -15.84
CA ALA B 205 34.20 -8.45 -15.69
C ALA B 205 34.18 -9.04 -14.29
N LEU B 206 33.21 -8.63 -13.48
CA LEU B 206 33.14 -9.09 -12.11
C LEU B 206 31.73 -9.55 -11.72
N THR B 207 31.67 -10.43 -10.72
CA THR B 207 30.41 -10.96 -10.25
C THR B 207 30.13 -10.48 -8.82
N PHE B 208 28.90 -10.02 -8.58
CA PHE B 208 28.54 -9.50 -7.27
C PHE B 208 27.20 -10.06 -6.80
N SER B 209 26.94 -9.93 -5.51
CA SER B 209 25.67 -10.37 -4.92
C SER B 209 24.56 -9.33 -5.12
N LEU B 210 23.47 -9.75 -5.75
CA LEU B 210 22.35 -8.84 -6.01
C LEU B 210 21.61 -8.47 -4.72
N LYS B 211 21.74 -9.33 -3.71
CA LYS B 211 21.09 -9.07 -2.43
C LYS B 211 21.66 -7.81 -1.78
N TYR B 212 22.95 -7.56 -2.00
CA TYR B 212 23.60 -6.36 -1.49
C TYR B 212 23.32 -5.15 -2.38
N LEU B 213 23.33 -5.35 -3.69
CA LEU B 213 23.10 -4.25 -4.62
C LEU B 213 21.69 -3.66 -4.48
N VAL B 214 20.69 -4.51 -4.30
CA VAL B 214 19.32 -4.03 -4.11
C VAL B 214 19.20 -3.24 -2.81
N ASN B 215 19.97 -3.62 -1.80
CA ASN B 215 20.02 -2.87 -0.56
C ASN B 215 20.68 -1.52 -0.76
N PHE B 216 21.73 -1.50 -1.59
CA PHE B 216 22.42 -0.26 -1.93
C PHE B 216 21.46 0.71 -2.61
N CYS B 217 20.55 0.16 -3.41
CA CYS B 217 19.65 0.96 -4.23
C CYS B 217 18.50 1.56 -3.42
N LYS B 218 18.52 1.35 -2.11
CA LYS B 218 17.57 2.00 -1.22
C LYS B 218 17.99 3.45 -0.99
N ALA B 219 19.14 3.82 -1.55
CA ALA B 219 19.65 5.19 -1.49
C ALA B 219 19.28 5.97 -2.74
N THR B 220 18.45 5.37 -3.60
CA THR B 220 18.02 6.00 -4.84
C THR B 220 17.28 7.32 -4.60
N SER B 221 16.60 7.42 -3.46
CA SER B 221 15.88 8.63 -3.11
C SER B 221 16.84 9.79 -2.78
N LEU B 222 18.11 9.46 -2.56
CA LEU B 222 19.11 10.45 -2.18
C LEU B 222 19.68 11.19 -3.38
N SER B 223 19.89 10.47 -4.48
CA SER B 223 20.47 11.08 -5.67
C SER B 223 19.83 10.54 -6.96
N SER B 224 19.79 11.38 -7.98
CA SER B 224 19.29 10.97 -9.29
C SER B 224 20.39 10.25 -10.06
N LYS B 225 21.63 10.42 -9.62
CA LYS B 225 22.78 9.79 -10.24
C LYS B 225 23.48 8.81 -9.30
N VAL B 226 24.10 7.79 -9.88
CA VAL B 226 24.90 6.84 -9.12
C VAL B 226 26.21 6.59 -9.86
N THR B 227 27.28 6.32 -9.11
CA THR B 227 28.58 6.06 -9.72
C THR B 227 29.08 4.67 -9.37
N LEU B 228 29.42 3.89 -10.39
CA LEU B 228 29.98 2.57 -10.20
C LEU B 228 31.47 2.57 -10.58
N CYS B 229 32.31 2.20 -9.62
CA CYS B 229 33.75 2.14 -9.85
C CYS B 229 34.25 0.70 -9.74
N LEU B 230 34.85 0.19 -10.81
CA LEU B 230 35.21 -1.23 -10.85
C LEU B 230 36.68 -1.51 -11.15
N SER B 231 37.17 -2.58 -10.53
CA SER B 231 38.48 -3.17 -10.77
C SER B 231 38.56 -4.45 -9.94
N GLN B 232 39.31 -5.44 -10.41
CA GLN B 232 39.43 -6.66 -9.61
C GLN B 232 40.45 -6.41 -8.51
N GLU B 233 40.51 -7.33 -7.54
CA GLU B 233 41.39 -7.23 -6.37
C GLU B 233 40.95 -6.11 -5.41
N VAL B 234 39.93 -5.36 -5.81
CA VAL B 234 39.37 -4.31 -4.96
C VAL B 234 37.84 -4.38 -5.02
N PRO B 235 37.17 -3.98 -3.94
CA PRO B 235 35.70 -4.03 -3.93
C PRO B 235 35.05 -3.06 -4.92
N LEU B 236 33.81 -3.34 -5.28
CA LEU B 236 33.01 -2.45 -6.10
C LEU B 236 32.67 -1.21 -5.30
N LEU B 237 32.77 -0.05 -5.92
CA LEU B 237 32.37 1.18 -5.25
C LEU B 237 31.07 1.71 -5.83
N VAL B 238 30.06 1.82 -4.99
CA VAL B 238 28.79 2.41 -5.38
C VAL B 238 28.55 3.68 -4.58
N GLU B 239 28.62 4.83 -5.24
CA GLU B 239 28.52 6.10 -4.54
C GLU B 239 27.27 6.88 -4.96
N TYR B 240 26.62 7.48 -3.97
CA TYR B 240 25.46 8.33 -4.20
C TYR B 240 25.75 9.75 -3.73
N GLY B 241 25.46 10.72 -4.58
CA GLY B 241 25.67 12.12 -4.25
C GLY B 241 24.58 12.71 -3.37
N LEU B 242 24.98 13.16 -2.18
CA LEU B 242 24.04 13.78 -1.25
C LEU B 242 23.92 15.27 -1.53
N GLY B 243 24.70 15.74 -2.50
CA GLY B 243 24.83 17.16 -2.76
C GLY B 243 25.97 17.68 -1.91
N SER B 244 25.68 17.93 -0.64
CA SER B 244 26.72 18.34 0.29
C SER B 244 27.17 17.11 1.08
N GLY B 245 27.85 16.21 0.39
CA GLY B 245 28.33 14.98 1.01
C GLY B 245 28.11 13.80 0.09
N HIS B 246 28.14 12.60 0.65
CA HIS B 246 28.02 11.38 -0.14
C HIS B 246 27.72 10.15 0.70
N LEU B 247 27.17 9.12 0.04
CA LEU B 247 26.99 7.81 0.64
C LEU B 247 27.61 6.76 -0.25
N ARG B 248 28.64 6.08 0.26
CA ARG B 248 29.38 5.12 -0.55
C ARG B 248 29.17 3.70 -0.05
N PHE B 249 29.04 2.77 -0.99
CA PHE B 249 28.95 1.35 -0.67
C PHE B 249 30.12 0.59 -1.29
N TYR B 250 30.85 -0.16 -0.48
CA TYR B 250 31.92 -1.02 -0.97
C TYR B 250 31.46 -2.47 -0.90
N LEU B 251 31.59 -3.19 -2.00
CA LEU B 251 31.14 -4.59 -2.04
C LEU B 251 32.18 -5.52 -2.67
N ALA B 252 32.63 -6.50 -1.90
CA ALA B 252 33.61 -7.46 -2.39
C ALA B 252 33.01 -8.39 -3.44
N PRO B 253 33.77 -8.66 -4.52
CA PRO B 253 33.34 -9.56 -5.59
C PRO B 253 33.32 -11.03 -5.18
N LYS B 254 32.49 -11.83 -5.84
CA LYS B 254 32.46 -13.27 -5.62
C LYS B 254 33.21 -14.02 -6.73
N ILE B 255 33.56 -13.30 -7.79
CA ILE B 255 34.25 -13.89 -8.92
C ILE B 255 35.72 -14.18 -8.60
N GLY C 1 -42.83 -2.68 10.76
CA GLY C 1 -41.98 -1.55 10.48
C GLY C 1 -41.83 -0.64 11.68
N MET C 2 -40.77 -0.85 12.46
CA MET C 2 -40.57 -0.10 13.69
C MET C 2 -39.42 0.90 13.58
N LEU C 3 -38.28 0.45 13.07
CA LEU C 3 -37.11 1.31 12.96
C LEU C 3 -36.76 1.66 11.52
N GLU C 4 -36.54 2.95 11.28
CA GLU C 4 -36.04 3.42 9.99
C GLU C 4 -35.16 4.65 10.19
N ALA C 5 -33.92 4.57 9.69
CA ALA C 5 -32.98 5.68 9.82
C ALA C 5 -32.22 5.89 8.51
N ARG C 6 -32.31 7.11 7.96
CA ARG C 6 -31.68 7.41 6.67
C ARG C 6 -30.56 8.43 6.81
N LEU C 7 -29.35 8.03 6.43
CA LEU C 7 -28.19 8.91 6.42
C LEU C 7 -27.88 9.46 5.03
N GLU C 8 -27.71 10.77 4.96
CA GLU C 8 -27.31 11.44 3.73
C GLU C 8 -26.04 10.83 3.11
N GLN C 9 -25.03 10.63 3.95
CA GLN C 9 -23.78 10.03 3.51
C GLN C 9 -23.42 8.79 4.31
N ALA C 10 -23.20 7.68 3.63
CA ALA C 10 -22.85 6.42 4.30
C ALA C 10 -21.47 6.49 4.97
N SER C 11 -20.67 7.48 4.56
CA SER C 11 -19.32 7.64 5.09
C SER C 11 -19.27 7.72 6.61
N LEU C 12 -20.24 8.43 7.18
CA LEU C 12 -20.31 8.63 8.62
C LEU C 12 -20.34 7.30 9.37
N LEU C 13 -21.29 6.44 9.01
CA LEU C 13 -21.43 5.16 9.68
C LEU C 13 -20.26 4.23 9.36
N LYS C 14 -19.73 4.35 8.15
CA LYS C 14 -18.55 3.57 7.74
C LYS C 14 -17.35 3.87 8.62
N ARG C 15 -17.14 5.14 8.91
CA ARG C 15 -15.97 5.57 9.67
C ARG C 15 -16.10 5.29 11.16
N VAL C 16 -17.31 5.45 11.68
CA VAL C 16 -17.56 5.18 13.09
C VAL C 16 -17.28 3.72 13.43
N VAL C 17 -17.84 2.82 12.62
CA VAL C 17 -17.65 1.39 12.82
C VAL C 17 -16.19 0.98 12.65
N ASP C 18 -15.52 1.57 11.66
CA ASP C 18 -14.12 1.26 11.38
C ASP C 18 -13.20 1.71 12.51
N ALA C 19 -13.67 2.65 13.32
CA ALA C 19 -12.89 3.17 14.43
C ALA C 19 -13.06 2.30 15.68
N ILE C 20 -14.17 1.58 15.76
CA ILE C 20 -14.51 0.80 16.94
C ILE C 20 -14.25 -0.70 16.77
N LYS C 21 -14.22 -1.18 15.53
CA LYS C 21 -14.21 -2.63 15.27
C LYS C 21 -13.04 -3.37 15.93
N ASP C 22 -11.94 -2.66 16.16
CA ASP C 22 -10.75 -3.28 16.71
C ASP C 22 -10.75 -3.27 18.24
N LEU C 23 -11.70 -2.55 18.82
CA LEU C 23 -11.85 -2.49 20.27
C LEU C 23 -13.01 -3.37 20.74
N VAL C 24 -14.19 -3.12 20.19
CA VAL C 24 -15.37 -3.89 20.52
C VAL C 24 -15.74 -4.79 19.35
N GLN C 25 -16.30 -5.97 19.66
CA GLN C 25 -16.72 -6.89 18.62
C GLN C 25 -18.23 -7.08 18.66
N ASP C 26 -18.74 -7.41 19.85
CA ASP C 26 -20.17 -7.61 20.06
C ASP C 26 -20.76 -6.49 20.92
N CYS C 27 -21.72 -5.76 20.37
CA CYS C 27 -22.31 -4.64 21.10
C CYS C 27 -23.74 -4.32 20.67
N ASN C 28 -24.42 -3.54 21.51
CA ASN C 28 -25.80 -3.14 21.25
C ASN C 28 -25.93 -1.76 20.64
N PHE C 29 -26.85 -1.62 19.70
CA PHE C 29 -27.24 -0.31 19.17
C PHE C 29 -28.56 0.13 19.80
N ASP C 30 -28.46 1.01 20.79
CA ASP C 30 -29.66 1.46 21.50
C ASP C 30 -30.41 2.51 20.70
N CYS C 31 -31.67 2.20 20.39
CA CYS C 31 -32.47 3.07 19.55
C CYS C 31 -33.73 3.53 20.27
N ASN C 32 -33.99 4.84 20.23
CA ASN C 32 -35.27 5.37 20.70
C ASN C 32 -35.66 6.59 19.89
N ASP C 33 -36.55 7.41 20.45
CA ASP C 33 -37.03 8.59 19.74
C ASP C 33 -35.95 9.65 19.62
N SER C 34 -34.94 9.56 20.48
CA SER C 34 -33.86 10.54 20.50
C SER C 34 -32.82 10.25 19.42
N GLY C 35 -32.67 8.98 19.08
CA GLY C 35 -31.72 8.56 18.05
C GLY C 35 -31.06 7.24 18.39
N ILE C 36 -29.95 6.95 17.69
CA ILE C 36 -29.24 5.70 17.89
C ILE C 36 -27.95 5.89 18.67
N ALA C 37 -27.84 5.20 19.80
CA ALA C 37 -26.68 5.31 20.66
C ALA C 37 -25.99 3.97 20.81
N LEU C 38 -24.68 4.01 21.07
CA LEU C 38 -23.92 2.80 21.33
C LEU C 38 -23.03 3.04 22.53
N GLN C 39 -23.07 2.13 23.49
CA GLN C 39 -22.19 2.22 24.64
C GLN C 39 -21.65 0.82 24.94
N ALA C 40 -20.37 0.62 24.69
CA ALA C 40 -19.77 -0.69 24.81
C ALA C 40 -18.37 -0.61 25.37
N MET C 41 -17.98 -1.63 26.11
CA MET C 41 -16.69 -1.67 26.76
C MET C 41 -15.70 -2.49 25.95
N ASP C 42 -14.43 -2.09 26.00
CA ASP C 42 -13.35 -2.83 25.35
C ASP C 42 -13.34 -4.29 25.78
N ASN C 43 -12.86 -5.16 24.90
CA ASN C 43 -12.79 -6.59 25.17
C ASN C 43 -12.05 -6.91 26.46
N SER C 44 -11.09 -6.05 26.82
CA SER C 44 -10.34 -6.22 28.05
C SER C 44 -10.91 -5.36 29.18
N HIS C 45 -12.05 -4.72 28.92
CA HIS C 45 -12.73 -3.89 29.92
C HIS C 45 -11.83 -2.81 30.51
N VAL C 46 -11.13 -2.10 29.63
CA VAL C 46 -10.25 -1.02 30.02
C VAL C 46 -10.76 0.28 29.40
N ALA C 47 -11.11 0.22 28.12
CA ALA C 47 -11.63 1.37 27.41
C ALA C 47 -13.15 1.26 27.22
N LEU C 48 -13.84 2.40 27.24
CA LEU C 48 -15.27 2.43 26.95
C LEU C 48 -15.55 3.27 25.71
N VAL C 49 -16.35 2.74 24.80
CA VAL C 49 -16.72 3.47 23.60
C VAL C 49 -18.17 3.92 23.69
N SER C 50 -18.39 5.23 23.53
CA SER C 50 -19.74 5.78 23.61
C SER C 50 -20.08 6.62 22.38
N MET C 51 -21.04 6.15 21.61
CA MET C 51 -21.45 6.84 20.38
C MET C 51 -22.88 7.33 20.50
N LEU C 52 -23.14 8.53 19.97
CA LEU C 52 -24.49 9.05 19.91
C LEU C 52 -24.80 9.68 18.57
N LEU C 53 -25.75 9.08 17.85
CA LEU C 53 -26.26 9.64 16.61
C LEU C 53 -27.67 10.17 16.83
N LYS C 54 -27.79 11.49 16.97
CA LYS C 54 -29.09 12.08 17.27
C LYS C 54 -30.02 12.00 16.07
N ALA C 55 -31.31 11.91 16.34
CA ALA C 55 -32.33 11.69 15.31
C ALA C 55 -32.39 12.82 14.29
N GLU C 56 -31.89 14.00 14.65
CA GLU C 56 -31.95 15.16 13.77
C GLU C 56 -30.93 15.06 12.64
N GLY C 57 -30.11 14.01 12.68
CA GLY C 57 -29.12 13.79 11.63
C GLY C 57 -29.65 12.79 10.63
N PHE C 58 -30.80 12.22 10.93
CA PHE C 58 -31.46 11.26 10.04
C PHE C 58 -32.68 11.89 9.40
N SER C 59 -32.90 11.58 8.12
CA SER C 59 -34.10 12.05 7.42
C SER C 59 -34.59 10.99 6.44
N PRO C 60 -35.67 10.27 6.80
CA PRO C 60 -36.42 10.43 8.06
C PRO C 60 -35.89 9.57 9.19
N TYR C 61 -36.48 9.70 10.37
CA TYR C 61 -36.15 8.83 11.49
C TYR C 61 -37.41 8.33 12.20
N ARG C 62 -37.51 7.01 12.32
CA ARG C 62 -38.65 6.39 12.99
C ARG C 62 -38.19 5.29 13.94
N CYS C 63 -38.67 5.34 15.17
CA CYS C 63 -38.39 4.30 16.16
C CYS C 63 -39.57 4.18 17.12
N ASP C 64 -40.39 3.15 16.94
CA ASP C 64 -41.64 3.00 17.70
C ASP C 64 -41.39 2.59 19.14
N ARG C 65 -40.27 1.93 19.35
CA ARG C 65 -39.93 1.32 20.63
C ARG C 65 -38.46 1.46 20.98
N ASN C 66 -38.16 1.70 22.26
CA ASN C 66 -36.79 1.61 22.73
C ASN C 66 -36.30 0.20 22.54
N ILE C 67 -35.26 0.03 21.74
CA ILE C 67 -34.80 -1.31 21.39
C ILE C 67 -33.28 -1.41 21.37
N ALA C 68 -32.77 -2.56 21.80
CA ALA C 68 -31.34 -2.83 21.73
C ALA C 68 -31.08 -3.84 20.63
N LEU C 69 -30.21 -3.48 19.71
CA LEU C 69 -29.86 -4.35 18.58
C LEU C 69 -28.44 -4.88 18.70
N GLY C 70 -28.32 -6.14 19.09
CA GLY C 70 -27.02 -6.79 19.20
C GLY C 70 -26.42 -7.11 17.86
N ILE C 71 -25.31 -6.47 17.54
CA ILE C 71 -24.69 -6.60 16.23
C ILE C 71 -23.20 -6.89 16.32
N ASN C 72 -22.77 -7.95 15.64
CA ASN C 72 -21.34 -8.22 15.50
C ASN C 72 -20.73 -7.18 14.57
N LEU C 73 -19.69 -6.50 15.06
CA LEU C 73 -19.05 -5.43 14.30
C LEU C 73 -18.25 -5.95 13.12
N VAL C 74 -17.73 -7.17 13.23
CA VAL C 74 -17.02 -7.80 12.12
C VAL C 74 -17.97 -8.00 10.95
N SER C 75 -19.16 -8.52 11.27
CA SER C 75 -20.19 -8.71 10.27
C SER C 75 -20.63 -7.37 9.68
N LEU C 76 -20.70 -6.35 10.53
CA LEU C 76 -21.17 -5.04 10.12
C LEU C 76 -20.17 -4.36 9.18
N THR C 77 -18.88 -4.57 9.42
CA THR C 77 -17.85 -3.97 8.56
C THR C 77 -17.88 -4.56 7.17
N LYS C 78 -18.10 -5.87 7.07
CA LYS C 78 -18.16 -6.54 5.78
C LYS C 78 -19.29 -5.98 4.92
N VAL C 79 -20.42 -5.72 5.55
CA VAL C 79 -21.56 -5.13 4.87
C VAL C 79 -21.30 -3.67 4.52
N LEU C 80 -20.64 -2.96 5.43
CA LEU C 80 -20.36 -1.55 5.22
C LEU C 80 -19.22 -1.34 4.22
N ARG C 81 -18.52 -2.41 3.86
CA ARG C 81 -17.47 -2.32 2.87
C ARG C 81 -18.07 -2.39 1.47
N ALA C 82 -19.39 -2.58 1.42
CA ALA C 82 -20.12 -2.61 0.16
C ALA C 82 -20.69 -1.24 -0.18
N ALA C 83 -20.63 -0.33 0.78
CA ALA C 83 -21.13 1.02 0.59
C ALA C 83 -20.02 2.00 0.26
N GLN C 84 -20.24 2.81 -0.78
CA GLN C 84 -19.33 3.89 -1.08
C GLN C 84 -19.60 5.02 -0.10
N ASN C 85 -18.62 5.89 0.11
CA ASN C 85 -18.73 6.94 1.13
C ASN C 85 -19.88 7.91 0.86
N GLU C 86 -20.23 8.07 -0.41
CA GLU C 86 -21.25 9.05 -0.79
C GLU C 86 -22.60 8.40 -1.08
N ASP C 87 -22.73 7.12 -0.76
CA ASP C 87 -24.00 6.43 -0.93
C ASP C 87 -25.01 6.86 0.12
N ILE C 88 -26.28 6.85 -0.25
CA ILE C 88 -27.35 7.11 0.71
C ILE C 88 -27.60 5.84 1.51
N LEU C 89 -27.33 5.91 2.81
CA LEU C 89 -27.50 4.75 3.66
C LEU C 89 -28.85 4.78 4.36
N THR C 90 -29.58 3.68 4.28
CA THR C 90 -30.85 3.56 4.95
C THR C 90 -30.89 2.31 5.81
N LEU C 91 -31.03 2.51 7.12
CA LEU C 91 -31.12 1.41 8.06
C LEU C 91 -32.58 1.14 8.41
N LYS C 92 -33.04 -0.09 8.18
CA LYS C 92 -34.43 -0.46 8.45
C LYS C 92 -34.52 -1.69 9.33
N ALA C 93 -35.62 -1.82 10.05
CA ALA C 93 -35.86 -2.98 10.90
C ALA C 93 -37.35 -3.18 11.13
N ASP C 94 -37.73 -4.42 11.40
CA ASP C 94 -39.11 -4.76 11.73
C ASP C 94 -39.27 -4.65 13.24
N ASP C 95 -40.43 -5.06 13.74
CA ASP C 95 -40.66 -5.07 15.19
C ASP C 95 -39.85 -6.22 15.76
N SER C 96 -39.14 -5.96 16.86
CA SER C 96 -38.36 -6.97 17.59
C SER C 96 -37.78 -8.02 16.65
N PRO C 97 -36.75 -7.63 15.88
CA PRO C 97 -36.35 -8.41 14.71
C PRO C 97 -35.26 -9.46 14.92
N ASP C 98 -35.17 -10.35 13.94
CA ASP C 98 -34.12 -11.35 13.85
C ASP C 98 -32.91 -10.74 13.18
N ALA C 99 -33.16 -9.72 12.36
CA ALA C 99 -32.10 -9.10 11.58
C ALA C 99 -32.39 -7.63 11.28
N VAL C 100 -31.35 -6.91 10.90
CA VAL C 100 -31.45 -5.51 10.54
C VAL C 100 -31.13 -5.31 9.05
N ASN C 101 -31.89 -4.46 8.39
CA ASN C 101 -31.73 -4.22 6.95
C ASN C 101 -30.97 -2.93 6.65
N LEU C 102 -29.94 -3.05 5.82
CA LEU C 102 -29.15 -1.89 5.39
C LEU C 102 -29.20 -1.73 3.88
N MET C 103 -29.68 -0.57 3.43
CA MET C 103 -29.85 -0.31 2.00
C MET C 103 -28.91 0.79 1.51
N PHE C 104 -28.15 0.50 0.46
CA PHE C 104 -27.18 1.44 -0.09
C PHE C 104 -27.59 1.93 -1.48
N GLU C 105 -28.02 3.18 -1.58
CA GLU C 105 -28.42 3.78 -2.85
C GLU C 105 -27.32 4.67 -3.41
N SER C 106 -27.07 4.56 -4.71
CA SER C 106 -26.07 5.37 -5.37
C SER C 106 -26.69 6.63 -5.96
N ALA C 107 -26.04 7.77 -5.73
CA ALA C 107 -26.56 9.04 -6.23
C ALA C 107 -26.37 9.18 -7.74
N GLU C 108 -25.28 8.61 -8.26
CA GLU C 108 -24.99 8.70 -9.68
C GLU C 108 -25.60 7.51 -10.40
N THR C 109 -24.89 6.38 -10.40
CA THR C 109 -25.36 5.17 -11.06
C THR C 109 -26.67 4.69 -10.46
N ASP C 110 -27.48 4.02 -11.27
CA ASP C 110 -28.75 3.48 -10.83
C ASP C 110 -28.55 2.16 -10.10
N ARG C 111 -27.69 2.16 -9.09
CA ARG C 111 -27.37 0.95 -8.35
C ARG C 111 -27.90 0.96 -6.91
N ILE C 112 -28.63 -0.09 -6.56
CA ILE C 112 -29.16 -0.27 -5.21
C ILE C 112 -28.60 -1.53 -4.57
N SER C 113 -28.07 -1.41 -3.35
CA SER C 113 -27.57 -2.56 -2.61
C SER C 113 -28.34 -2.78 -1.31
N GLU C 114 -28.84 -3.99 -1.11
CA GLU C 114 -29.60 -4.31 0.10
C GLU C 114 -28.95 -5.45 0.87
N TYR C 115 -28.81 -5.27 2.18
CA TYR C 115 -28.23 -6.29 3.04
C TYR C 115 -29.07 -6.55 4.30
N ASP C 116 -29.24 -7.81 4.65
CA ASP C 116 -29.93 -8.18 5.89
C ASP C 116 -28.96 -8.86 6.85
N ILE C 117 -28.56 -8.15 7.89
CA ILE C 117 -27.61 -8.67 8.87
C ILE C 117 -28.30 -9.33 10.06
N LYS C 118 -28.02 -10.60 10.30
CA LYS C 118 -28.60 -11.32 11.44
C LYS C 118 -28.16 -10.72 12.78
N LEU C 119 -29.14 -10.47 13.64
CA LEU C 119 -28.87 -9.91 14.96
C LEU C 119 -28.49 -10.99 15.97
N MET C 120 -27.83 -10.56 17.04
CA MET C 120 -27.56 -11.44 18.18
C MET C 120 -28.14 -10.81 19.44
N ASP C 121 -28.29 -11.61 20.50
CA ASP C 121 -28.81 -11.11 21.78
C ASP C 121 -27.70 -10.80 22.79
N ILE C 122 -27.43 -9.50 22.99
CA ILE C 122 -26.41 -9.08 23.96
C ILE C 122 -27.00 -8.14 25.01
N ASP C 123 -26.70 -8.39 26.27
CA ASP C 123 -27.19 -7.53 27.35
C ASP C 123 -26.11 -6.59 27.90
N GLN C 124 -26.48 -5.32 28.10
CA GLN C 124 -25.53 -4.33 28.63
C GLN C 124 -25.80 -4.06 30.11
N GLU C 125 -27.04 -3.70 30.42
CA GLU C 125 -27.50 -3.37 31.77
C GLU C 125 -26.86 -2.11 32.35
N HIS C 126 -27.32 -1.73 33.55
CA HIS C 126 -27.00 -0.47 34.23
C HIS C 126 -27.73 0.69 33.45
N LEU C 127 -27.14 1.71 32.80
CA LEU C 127 -25.76 2.21 32.79
C LEU C 127 -25.72 3.75 32.77
N ALA C 128 -24.72 4.32 33.42
CA ALA C 128 -24.51 5.78 33.44
C ALA C 128 -24.01 6.21 32.05
N ILE C 129 -24.34 7.40 31.52
CA ILE C 129 -24.90 8.62 32.16
C ILE C 129 -24.00 9.13 33.28
N PRO C 130 -22.79 9.62 32.92
CA PRO C 130 -21.75 10.03 33.86
C PRO C 130 -21.79 11.49 34.33
N GLU C 131 -21.77 12.42 33.39
CA GLU C 131 -21.57 13.84 33.69
C GLU C 131 -20.34 14.00 34.57
N THR C 132 -19.17 13.88 33.95
CA THR C 132 -17.89 14.04 34.64
C THR C 132 -17.43 15.48 34.67
N GLU C 133 -16.89 15.93 35.81
CA GLU C 133 -16.30 17.25 35.91
C GLU C 133 -14.79 17.16 35.68
N TYR C 134 -14.31 17.75 34.57
CA TYR C 134 -12.90 17.65 34.21
C TYR C 134 -12.08 18.86 34.61
N ALA C 135 -10.83 18.61 35.00
CA ALA C 135 -9.92 19.66 35.42
C ALA C 135 -9.29 20.39 34.23
N ALA C 136 -9.13 19.68 33.12
CA ALA C 136 -8.54 20.24 31.91
C ALA C 136 -9.24 19.74 30.65
N THR C 137 -9.54 20.66 29.74
CA THR C 137 -10.16 20.33 28.47
C THR C 137 -9.32 20.88 27.32
N VAL C 138 -8.89 19.98 26.44
CA VAL C 138 -8.03 20.34 25.33
C VAL C 138 -8.69 20.10 23.98
N GLU C 139 -8.86 21.16 23.21
CA GLU C 139 -9.34 21.03 21.84
C GLU C 139 -8.19 21.26 20.84
N MET C 140 -7.86 20.22 20.08
CA MET C 140 -6.74 20.27 19.14
C MET C 140 -7.06 19.56 17.84
N PRO C 141 -6.27 19.80 16.78
CA PRO C 141 -6.48 19.07 15.53
C PRO C 141 -6.33 17.56 15.71
N SER C 142 -7.32 16.81 15.24
CA SER C 142 -7.31 15.36 15.39
C SER C 142 -6.15 14.74 14.63
N ALA C 143 -5.80 15.32 13.48
CA ALA C 143 -4.69 14.84 12.68
C ALA C 143 -3.39 14.97 13.45
N GLU C 144 -3.26 16.04 14.21
CA GLU C 144 -2.06 16.28 15.01
C GLU C 144 -1.98 15.29 16.17
N PHE C 145 -3.09 15.13 16.88
CA PHE C 145 -3.16 14.20 18.01
C PHE C 145 -2.84 12.78 17.60
N GLN C 146 -3.30 12.41 16.40
CA GLN C 146 -3.03 11.09 15.86
C GLN C 146 -1.54 10.88 15.60
N ARG C 147 -0.88 11.90 15.07
CA ARG C 147 0.55 11.78 14.80
C ARG C 147 1.33 11.68 16.09
N ILE C 148 0.91 12.44 17.10
CA ILE C 148 1.59 12.47 18.39
C ILE C 148 1.54 11.10 19.04
N CYS C 149 0.37 10.47 18.99
CA CYS C 149 0.19 9.14 19.58
C CYS C 149 1.00 8.09 18.83
N ARG C 150 0.91 8.08 17.51
CA ARG C 150 1.58 7.08 16.69
C ARG C 150 3.10 7.25 16.72
N ASP C 151 3.56 8.49 16.83
CA ASP C 151 5.00 8.75 16.91
C ASP C 151 5.56 8.25 18.23
N LEU C 152 4.89 8.58 19.33
CA LEU C 152 5.34 8.17 20.66
C LEU C 152 5.13 6.69 20.91
N ASN C 153 4.20 6.09 20.17
CA ASN C 153 3.92 4.66 20.31
C ASN C 153 5.10 3.83 19.82
N ALA C 154 5.96 4.43 19.00
CA ALA C 154 7.15 3.76 18.48
C ALA C 154 8.23 3.61 19.54
N LEU C 155 8.26 4.52 20.52
CA LEU C 155 9.28 4.49 21.55
C LEU C 155 8.84 3.71 22.78
N SER C 156 7.56 3.78 23.12
CA SER C 156 7.05 3.09 24.30
C SER C 156 5.59 2.69 24.15
N GLU C 157 5.10 1.95 25.13
CA GLU C 157 3.72 1.49 25.13
C GLU C 157 2.88 2.38 26.05
N SER C 158 3.54 3.35 26.68
CA SER C 158 2.89 4.20 27.65
C SER C 158 3.21 5.69 27.42
N VAL C 159 2.23 6.54 27.69
CA VAL C 159 2.40 7.99 27.50
C VAL C 159 1.93 8.80 28.72
N VAL C 160 2.65 9.87 29.03
CA VAL C 160 2.24 10.79 30.08
C VAL C 160 1.71 12.09 29.49
N ILE C 161 0.46 12.41 29.79
CA ILE C 161 -0.15 13.64 29.32
C ILE C 161 -0.17 14.66 30.43
N GLU C 162 0.58 15.75 30.26
CA GLU C 162 0.64 16.79 31.26
C GLU C 162 0.01 18.07 30.74
N ALA C 163 -1.08 18.49 31.37
CA ALA C 163 -1.78 19.71 30.97
C ALA C 163 -1.61 20.76 32.05
N THR C 164 -0.91 21.83 31.71
CA THR C 164 -0.74 22.95 32.63
C THR C 164 -1.28 24.24 32.02
N LYS C 165 -1.05 25.35 32.72
CA LYS C 165 -1.56 26.64 32.28
C LYS C 165 -0.76 27.17 31.09
N GLU C 166 0.39 26.56 30.84
CA GLU C 166 1.27 27.01 29.77
C GLU C 166 1.18 26.12 28.54
N GLY C 167 0.42 25.04 28.62
CA GLY C 167 0.24 24.16 27.47
C GLY C 167 0.06 22.71 27.85
N VAL C 168 0.08 21.83 26.85
CA VAL C 168 -0.05 20.39 27.09
C VAL C 168 1.17 19.65 26.56
N LYS C 169 1.78 18.84 27.41
CA LYS C 169 2.96 18.08 27.03
C LYS C 169 2.69 16.58 27.02
N PHE C 170 3.03 15.94 25.91
CA PHE C 170 2.92 14.48 25.81
C PHE C 170 4.30 13.86 25.94
N SER C 171 4.55 13.25 27.09
CA SER C 171 5.87 12.72 27.42
C SER C 171 5.93 11.22 27.27
N CYS C 172 7.13 10.70 27.04
CA CYS C 172 7.32 9.28 26.77
C CYS C 172 8.74 8.83 27.08
N GLN C 173 8.87 7.59 27.53
CA GLN C 173 10.18 7.00 27.80
C GLN C 173 10.16 5.49 27.58
N GLY C 174 11.20 4.97 26.94
CA GLY C 174 11.29 3.56 26.63
C GLY C 174 12.73 3.09 26.62
N ASP C 175 12.95 1.87 26.14
CA ASP C 175 14.29 1.30 26.08
C ASP C 175 15.20 2.11 25.15
N ILE C 176 14.63 2.60 24.05
CA ILE C 176 15.37 3.41 23.09
C ILE C 176 15.80 4.75 23.70
N GLY C 177 14.86 5.41 24.37
CA GLY C 177 15.12 6.70 24.97
C GLY C 177 13.83 7.42 25.30
N SER C 178 13.90 8.74 25.41
CA SER C 178 12.71 9.53 25.75
C SER C 178 12.25 10.39 24.58
N GLY C 179 10.96 10.71 24.57
CA GLY C 179 10.36 11.53 23.53
C GLY C 179 9.33 12.47 24.12
N SER C 180 9.22 13.66 23.54
CA SER C 180 8.32 14.68 24.08
C SER C 180 7.75 15.58 23.00
N VAL C 181 6.43 15.76 23.04
CA VAL C 181 5.76 16.70 22.15
C VAL C 181 4.95 17.68 22.98
N THR C 182 5.25 18.96 22.83
CA THR C 182 4.57 20.00 23.58
C THR C 182 3.77 20.89 22.64
N ILE C 183 2.47 21.01 22.88
CA ILE C 183 1.65 21.87 22.04
C ILE C 183 1.23 23.13 22.80
N ARG C 184 1.27 24.25 22.10
CA ARG C 184 0.93 25.55 22.65
C ARG C 184 -0.47 25.98 22.24
N GLN C 185 -1.14 26.72 23.11
CA GLN C 185 -2.43 27.32 22.81
C GLN C 185 -2.29 28.27 21.62
N HIS C 186 -2.95 27.95 20.51
CA HIS C 186 -2.81 28.69 19.27
C HIS C 186 -4.15 29.05 18.63
N THR C 187 -4.22 30.24 18.04
CA THR C 187 -5.43 30.74 17.41
C THR C 187 -5.15 31.30 16.01
N SER C 188 -6.07 31.06 15.08
CA SER C 188 -5.94 31.53 13.70
C SER C 188 -7.31 32.08 13.23
N VAL C 189 -7.44 33.33 12.74
CA VAL C 189 -6.43 34.37 12.39
C VAL C 189 -5.72 34.07 11.06
N ASP C 190 -5.58 32.79 10.72
CA ASP C 190 -4.96 32.42 9.45
C ASP C 190 -5.53 31.12 8.87
N LYS C 191 -5.33 30.03 9.60
CA LYS C 191 -5.85 28.72 9.24
C LYS C 191 -6.41 28.00 10.46
N PRO C 192 -7.73 28.08 10.67
CA PRO C 192 -8.38 27.62 11.90
C PRO C 192 -8.38 26.09 12.06
N GLU C 193 -7.76 25.39 11.12
CA GLU C 193 -7.66 23.95 11.17
C GLU C 193 -6.41 23.55 11.96
N GLN C 194 -5.72 24.56 12.48
CA GLN C 194 -4.47 24.36 13.23
C GLN C 194 -4.60 24.87 14.67
N ASN C 195 -5.83 25.15 15.09
CA ASN C 195 -6.07 25.82 16.37
C ASN C 195 -6.07 24.88 17.57
N VAL C 196 -5.51 25.36 18.67
CA VAL C 196 -5.44 24.60 19.91
C VAL C 196 -5.95 25.44 21.08
N SER C 197 -7.02 24.97 21.70
CA SER C 197 -7.63 25.66 22.84
C SER C 197 -7.52 24.84 24.11
N ILE C 198 -7.21 25.50 25.22
CA ILE C 198 -7.05 24.81 26.50
C ILE C 198 -7.86 25.47 27.62
N ALA C 199 -8.86 24.76 28.12
CA ALA C 199 -9.60 25.22 29.29
C ALA C 199 -9.12 24.48 30.52
N LEU C 200 -8.47 25.20 31.44
CA LEU C 200 -7.81 24.56 32.57
C LEU C 200 -8.16 25.20 33.90
N SER C 201 -8.65 24.40 34.84
CA SER C 201 -8.90 24.89 36.19
C SER C 201 -7.75 24.54 37.12
N GLU C 202 -6.97 23.54 36.73
CA GLU C 202 -5.84 23.05 37.53
C GLU C 202 -5.02 22.06 36.73
N PRO C 203 -3.69 22.11 36.89
CA PRO C 203 -2.77 21.20 36.19
C PRO C 203 -3.07 19.72 36.44
N VAL C 204 -2.87 18.90 35.42
CA VAL C 204 -3.14 17.46 35.49
C VAL C 204 -2.01 16.66 34.88
N ALA C 205 -1.63 15.56 35.53
CA ALA C 205 -0.62 14.67 34.98
C ALA C 205 -1.05 13.21 35.11
N LEU C 206 -1.38 12.58 34.00
CA LEU C 206 -1.85 11.20 34.01
C LEU C 206 -1.13 10.37 32.95
N THR C 207 -1.07 9.07 33.18
CA THR C 207 -0.40 8.17 32.26
C THR C 207 -1.39 7.21 31.60
N PHE C 208 -1.29 7.05 30.28
CA PHE C 208 -2.24 6.23 29.55
C PHE C 208 -1.57 5.26 28.57
N SER C 209 -2.34 4.28 28.11
CA SER C 209 -1.86 3.30 27.15
C SER C 209 -1.93 3.81 25.72
N LEU C 210 -0.79 3.84 25.04
CA LEU C 210 -0.71 4.32 23.68
C LEU C 210 -1.37 3.37 22.69
N LYS C 211 -1.43 2.09 23.05
CA LYS C 211 -2.06 1.09 22.18
C LYS C 211 -3.54 1.38 22.00
N TYR C 212 -4.18 1.88 23.05
CA TYR C 212 -5.59 2.23 22.98
C TYR C 212 -5.79 3.58 22.30
N LEU C 213 -4.91 4.53 22.61
CA LEU C 213 -4.98 5.87 22.03
C LEU C 213 -4.84 5.83 20.52
N VAL C 214 -3.93 4.98 20.04
CA VAL C 214 -3.70 4.85 18.60
C VAL C 214 -4.95 4.28 17.94
N ASN C 215 -5.64 3.40 18.64
CA ASN C 215 -6.90 2.85 18.15
C ASN C 215 -7.98 3.92 18.15
N PHE C 216 -7.99 4.76 19.17
CA PHE C 216 -8.94 5.86 19.27
C PHE C 216 -8.81 6.79 18.07
N CYS C 217 -7.58 6.93 17.59
CA CYS C 217 -7.27 7.88 16.52
C CYS C 217 -7.69 7.39 15.15
N LYS C 218 -8.34 6.23 15.10
CA LYS C 218 -8.95 5.75 13.87
C LYS C 218 -10.24 6.53 13.59
N ALA C 219 -10.60 7.40 14.53
CA ALA C 219 -11.77 8.26 14.37
C ALA C 219 -11.40 9.63 13.82
N THR C 220 -10.14 9.78 13.41
CA THR C 220 -9.62 11.03 12.86
C THR C 220 -10.40 11.45 11.62
N SER C 221 -10.92 10.47 10.89
CA SER C 221 -11.69 10.71 9.68
C SER C 221 -13.03 11.36 9.95
N LEU C 222 -13.45 11.34 11.21
CA LEU C 222 -14.76 11.85 11.58
C LEU C 222 -14.78 13.36 11.79
N SER C 223 -13.73 13.88 12.41
CA SER C 223 -13.64 15.30 12.69
C SER C 223 -12.22 15.81 12.52
N SER C 224 -12.08 17.09 12.16
CA SER C 224 -10.77 17.71 12.05
C SER C 224 -10.30 18.12 13.45
N LYS C 225 -11.23 18.16 14.39
CA LYS C 225 -10.91 18.53 15.77
C LYS C 225 -11.15 17.36 16.71
N VAL C 226 -10.39 17.32 17.80
CA VAL C 226 -10.57 16.32 18.84
C VAL C 226 -10.52 17.01 20.19
N THR C 227 -11.25 16.48 21.16
CA THR C 227 -11.28 17.06 22.49
C THR C 227 -10.76 16.09 23.54
N LEU C 228 -9.77 16.51 24.31
CA LEU C 228 -9.23 15.70 25.39
C LEU C 228 -9.65 16.28 26.73
N CYS C 229 -10.33 15.48 27.53
CA CYS C 229 -10.80 15.92 28.83
C CYS C 229 -10.10 15.14 29.93
N LEU C 230 -9.39 15.86 30.80
CA LEU C 230 -8.56 15.21 31.82
C LEU C 230 -8.90 15.69 33.22
N SER C 231 -8.70 14.79 34.17
CA SER C 231 -8.83 15.08 35.59
C SER C 231 -8.33 13.86 36.35
N GLN C 232 -7.82 14.06 37.55
CA GLN C 232 -7.32 12.95 38.35
C GLN C 232 -8.51 12.21 38.92
N GLU C 233 -8.31 10.93 39.25
CA GLU C 233 -9.34 10.03 39.77
C GLU C 233 -10.42 9.64 38.75
N VAL C 234 -10.31 10.15 37.53
CA VAL C 234 -11.26 9.77 36.47
C VAL C 234 -10.52 9.49 35.16
N PRO C 235 -11.10 8.64 34.29
CA PRO C 235 -10.51 8.28 33.01
C PRO C 235 -10.40 9.43 32.00
N LEU C 236 -9.49 9.28 31.05
CA LEU C 236 -9.34 10.21 29.95
C LEU C 236 -10.54 10.15 29.00
N LEU C 237 -11.03 11.30 28.57
CA LEU C 237 -12.09 11.35 27.58
C LEU C 237 -11.58 11.87 26.25
N VAL C 238 -11.71 11.06 25.21
CA VAL C 238 -11.36 11.48 23.87
C VAL C 238 -12.63 11.51 23.02
N GLU C 239 -13.07 12.72 22.69
CA GLU C 239 -14.36 12.90 22.01
C GLU C 239 -14.19 13.46 20.60
N TYR C 240 -14.96 12.91 19.67
CA TYR C 240 -14.98 13.39 18.29
C TYR C 240 -16.38 13.88 17.94
N GLY C 241 -16.47 15.09 17.40
CA GLY C 241 -17.76 15.63 16.99
C GLY C 241 -18.21 15.04 15.68
N LEU C 242 -19.34 14.35 15.69
CA LEU C 242 -19.85 13.75 14.46
C LEU C 242 -20.78 14.69 13.71
N GLY C 243 -21.15 15.79 14.34
CA GLY C 243 -22.15 16.66 13.76
C GLY C 243 -23.49 16.08 14.16
N SER C 244 -23.86 16.26 15.42
CA SER C 244 -25.13 15.74 15.94
C SER C 244 -25.14 14.20 15.86
N GLY C 245 -24.37 13.55 16.74
CA GLY C 245 -23.77 14.20 17.88
C GLY C 245 -22.28 14.01 18.12
N HIS C 246 -21.87 12.81 18.55
CA HIS C 246 -20.48 12.60 18.96
C HIS C 246 -20.04 11.15 19.09
N LEU C 247 -18.73 10.94 19.06
CA LEU C 247 -18.12 9.65 19.37
C LEU C 247 -17.07 9.79 20.46
N ARG C 248 -17.30 9.17 21.61
CA ARG C 248 -16.41 9.31 22.76
C ARG C 248 -15.65 8.04 23.10
N PHE C 249 -14.38 8.21 23.48
CA PHE C 249 -13.57 7.12 23.99
C PHE C 249 -13.14 7.43 25.42
N TYR C 250 -13.41 6.51 26.34
CA TYR C 250 -12.99 6.64 27.73
C TYR C 250 -11.86 5.66 28.03
N LEU C 251 -10.77 6.16 28.61
CA LEU C 251 -9.63 5.31 28.92
C LEU C 251 -9.12 5.55 30.34
N ALA C 252 -9.13 4.49 31.14
CA ALA C 252 -8.65 4.56 32.51
C ALA C 252 -7.14 4.77 32.54
N PRO C 253 -6.66 5.62 33.46
CA PRO C 253 -5.23 5.87 33.60
C PRO C 253 -4.50 4.64 34.15
N LYS C 254 -3.20 4.56 33.90
CA LYS C 254 -2.41 3.45 34.41
C LYS C 254 -1.71 3.83 35.71
N ILE C 255 -2.00 3.08 36.77
CA ILE C 255 -1.41 3.33 38.08
C ILE C 255 0.04 2.87 38.13
#